data_5VDO
#
_entry.id   5VDO
#
_cell.length_a   216.423
_cell.length_b   47.670
_cell.length_c   88.861
_cell.angle_alpha   90.000
_cell.angle_beta   110.180
_cell.angle_gamma   90.000
#
_symmetry.space_group_name_H-M   'C 1 2 1'
#
loop_
_entity.id
_entity.type
_entity.pdbx_description
1 polymer 'Cyclic GMP-AMP synthase'
2 non-polymer 'ZINC ION'
3 non-polymer 2-amino-9-[(1R,3R,6R,8R,9R,11S,14R,16R,17R,18R)-16-(6-amino-9H-purin-9-yl)-3,11,17,18-tetrahydroxy-3,11-dioxido-2,4,7,10,12,15-hexaoxa-3,11-diphosphatricyclo[12.2.1.1~6,9~]octadec-8-yl]-1,9-dihydro-6H-purin-6-one
4 water water
#
_entity_poly.entity_id   1
_entity_poly.type   'polypeptide(L)'
_entity_poly.pdbx_seq_one_letter_code
;MGASKLRAVLEKLKLSRDDISTAAGMVKGVVDHLLLRLKCDSAFRGVGLLNTGSYYEHVKISAPNEFDVMFKLEVPRIQL
EEYSNTRAYYFVKFKRNPKENPLSQFLEGEILSASKMLSKFRKIIKEEINDIKDTDVIMKRKRGGSPAVTLLISEKISVD
ITLALESKSSWPASTQEGLRIQNWLSAKVRKQLRLKPFYLVPKHAKEGNGFQEETWRLSFSHIEKEILNNHGKSKTCCEN
KEEKCCRKDCLKLMKYLLEQLKERFKDKKHLDKFSSYHVKTAFFHVCTQNPQDSQWDRKDLGLCFDNCVTYFLQCLRTEK
LENYFIPEFNLFSSNLIDKRSKEFLTKQIEYERNNEFPVFDEF
;
_entity_poly.pdbx_strand_id   A,B
#
loop_
_chem_comp.id
_chem_comp.type
_chem_comp.name
_chem_comp.formula
1YC non-polymer 2-amino-9-[(1R,3R,6R,8R,9R,11S,14R,16R,17R,18R)-16-(6-amino-9H-purin-9-yl)-3,11,17,18-tetrahydroxy-3,11-dioxido-2,4,7,10,12,15-hexaoxa-3,11-diphosphatricyclo[12.2.1.1~6,9~]octadec-8-yl]-1,9-dihydro-6H-purin-6-one 'C20 H24 N10 O13 P2'
ZN non-polymer 'ZINC ION' 'Zn 2'
#
# COMPACT_ATOMS: atom_id res chain seq x y z
N MET A 1 -34.10 -16.09 4.29
CA MET A 1 -34.31 -15.00 5.22
C MET A 1 -34.48 -13.67 4.50
N GLY A 2 -35.46 -12.88 4.96
CA GLY A 2 -35.71 -11.58 4.39
C GLY A 2 -34.54 -10.64 4.62
N ALA A 3 -34.14 -9.94 3.57
CA ALA A 3 -33.02 -9.00 3.66
C ALA A 3 -33.39 -7.84 4.57
N SER A 4 -34.68 -7.55 4.68
CA SER A 4 -35.14 -6.46 5.52
C SER A 4 -35.15 -6.89 7.00
N LYS A 5 -35.28 -8.19 7.23
CA LYS A 5 -35.24 -8.73 8.58
C LYS A 5 -33.80 -8.72 9.11
N LEU A 6 -32.90 -9.26 8.31
CA LEU A 6 -31.48 -9.28 8.64
C LEU A 6 -30.93 -7.86 8.75
N ARG A 7 -31.34 -7.02 7.81
CA ARG A 7 -30.92 -5.62 7.81
C ARG A 7 -31.58 -4.86 8.95
N ALA A 8 -32.70 -5.39 9.46
CA ALA A 8 -33.32 -4.83 10.65
C ALA A 8 -32.46 -5.16 11.87
N VAL A 9 -31.98 -6.40 11.93
CA VAL A 9 -31.09 -6.83 13.01
C VAL A 9 -29.81 -6.01 13.00
N LEU A 10 -29.23 -5.83 11.81
CA LEU A 10 -28.00 -5.06 11.65
C LEU A 10 -28.25 -3.60 11.99
N GLU A 11 -29.45 -3.12 11.68
CA GLU A 11 -29.84 -1.76 12.03
C GLU A 11 -29.88 -1.61 13.55
N LYS A 12 -30.36 -2.64 14.24
CA LYS A 12 -30.38 -2.64 15.70
C LYS A 12 -28.96 -2.68 16.28
N LEU A 13 -28.08 -3.44 15.64
CA LEU A 13 -26.70 -3.58 16.12
C LEU A 13 -25.94 -2.26 16.14
N LYS A 14 -26.25 -1.37 15.21
CA LYS A 14 -25.57 -0.08 15.12
C LYS A 14 -25.81 0.77 16.37
N LEU A 15 -24.75 1.05 17.10
CA LEU A 15 -24.85 1.81 18.34
C LEU A 15 -24.44 3.27 18.13
N SER A 16 -24.84 4.12 19.06
CA SER A 16 -24.53 5.55 18.97
C SER A 16 -23.04 5.82 19.12
N ARG A 17 -22.59 6.97 18.65
CA ARG A 17 -21.18 7.35 18.72
C ARG A 17 -20.76 7.64 20.16
N ASP A 18 -21.72 8.07 20.98
CA ASP A 18 -21.44 8.42 22.37
C ASP A 18 -21.03 7.20 23.20
N ASP A 19 -21.73 6.09 22.98
CA ASP A 19 -21.48 4.86 23.74
C ASP A 19 -20.15 4.21 23.34
N ILE A 20 -19.67 4.55 22.15
CA ILE A 20 -18.43 3.96 21.63
C ILE A 20 -17.26 4.91 21.86
N SER A 21 -17.56 6.17 22.15
CA SER A 21 -16.52 7.19 22.33
C SER A 21 -16.22 7.45 23.80
N THR A 22 -17.27 7.47 24.63
CA THR A 22 -17.13 7.76 26.05
C THR A 22 -16.20 6.76 26.74
N ALA A 23 -16.30 5.50 26.35
CA ALA A 23 -15.44 4.46 26.90
C ALA A 23 -14.07 4.50 26.24
N ALA A 24 -14.06 4.74 24.93
CA ALA A 24 -12.82 4.78 24.16
C ALA A 24 -11.88 5.87 24.64
N GLY A 25 -12.45 6.92 25.25
CA GLY A 25 -11.64 7.97 25.83
C GLY A 25 -10.82 7.49 27.01
N MET A 26 -11.49 6.85 27.97
CA MET A 26 -10.83 6.33 29.16
C MET A 26 -9.87 5.20 28.80
N VAL A 27 -10.33 4.30 27.94
CA VAL A 27 -9.50 3.19 27.49
C VAL A 27 -8.25 3.70 26.80
N LYS A 28 -8.43 4.67 25.92
CA LYS A 28 -7.32 5.29 25.19
C LYS A 28 -6.36 5.95 26.18
N GLY A 29 -6.90 6.56 27.22
CA GLY A 29 -6.09 7.16 28.26
C GLY A 29 -5.22 6.16 28.99
N VAL A 30 -5.84 5.04 29.40
CA VAL A 30 -5.12 3.98 30.10
C VAL A 30 -4.03 3.39 29.22
N VAL A 31 -4.37 3.10 27.97
CA VAL A 31 -3.41 2.52 27.03
C VAL A 31 -2.22 3.46 26.81
N ASP A 32 -2.52 4.72 26.51
CA ASP A 32 -1.48 5.72 26.29
C ASP A 32 -0.63 5.93 27.54
N HIS A 33 -1.23 5.71 28.70
CA HIS A 33 -0.50 5.81 29.96
C HIS A 33 0.47 4.64 30.12
N LEU A 34 0.01 3.44 29.76
CA LEU A 34 0.83 2.25 29.89
C LEU A 34 1.99 2.25 28.89
N LEU A 35 1.72 2.75 27.68
CA LEU A 35 2.72 2.78 26.62
C LEU A 35 3.97 3.55 27.02
N LEU A 36 3.78 4.61 27.81
CA LEU A 36 4.90 5.43 28.26
C LEU A 36 5.77 4.66 29.24
N ARG A 37 5.12 3.94 30.16
CA ARG A 37 5.85 3.21 31.19
C ARG A 37 6.48 1.94 30.65
N LEU A 38 5.96 1.44 29.53
CA LEU A 38 6.54 0.26 28.89
C LEU A 38 7.94 0.53 28.38
N LYS A 39 8.20 1.79 28.00
CA LYS A 39 9.49 2.16 27.43
C LYS A 39 10.56 2.37 28.51
N CYS A 40 10.18 2.24 29.77
CA CYS A 40 11.13 2.38 30.88
C CYS A 40 12.06 1.18 30.95
N ASP A 41 11.60 0.03 30.45
CA ASP A 41 12.42 -1.17 30.42
C ASP A 41 13.06 -1.36 29.05
N SER A 42 14.27 -1.92 29.04
CA SER A 42 15.01 -2.11 27.79
C SER A 42 14.37 -3.16 26.92
N ALA A 43 13.66 -4.10 27.53
CA ALA A 43 13.01 -5.18 26.80
C ALA A 43 11.80 -4.65 26.02
N PHE A 44 10.95 -3.90 26.71
CA PHE A 44 9.74 -3.37 26.08
C PHE A 44 9.97 -1.94 25.60
N ARG A 45 11.20 -1.64 25.21
CA ARG A 45 11.53 -0.32 24.69
C ARG A 45 11.05 -0.17 23.26
N GLY A 46 11.22 -1.22 22.47
CA GLY A 46 10.78 -1.22 21.09
C GLY A 46 9.35 -1.69 20.90
N VAL A 47 8.50 -1.35 21.87
CA VAL A 47 7.09 -1.75 21.84
C VAL A 47 6.27 -0.62 21.22
N GLY A 48 5.09 -0.95 20.73
CA GLY A 48 4.22 0.06 20.15
C GLY A 48 2.80 -0.43 19.90
N LEU A 49 1.84 0.46 20.10
CA LEU A 49 0.44 0.14 19.86
C LEU A 49 0.22 -0.11 18.37
N LEU A 50 -0.13 -1.34 18.02
CA LEU A 50 -0.39 -1.71 16.64
C LEU A 50 -1.69 -1.06 16.17
N ASN A 51 -1.57 -0.19 15.17
CA ASN A 51 -2.71 0.58 14.68
C ASN A 51 -3.77 -0.31 14.04
N THR A 52 -4.75 -0.71 14.84
CA THR A 52 -5.85 -1.53 14.37
C THR A 52 -7.14 -0.74 14.54
N GLY A 53 -7.01 0.48 15.07
CA GLY A 53 -8.15 1.33 15.31
C GLY A 53 -8.51 1.37 16.78
N SER A 54 -7.83 0.53 17.56
CA SER A 54 -8.07 0.41 19.00
C SER A 54 -9.54 0.08 19.28
N TYR A 55 -10.14 -0.72 18.40
CA TYR A 55 -11.53 -1.11 18.54
C TYR A 55 -11.65 -2.57 18.96
N TYR A 56 -12.88 -3.01 19.20
CA TYR A 56 -13.15 -4.36 19.67
C TYR A 56 -13.61 -5.27 18.55
N GLU A 57 -13.79 -6.55 18.87
CA GLU A 57 -14.21 -7.55 17.90
C GLU A 57 -15.69 -7.88 18.07
N HIS A 58 -16.22 -7.65 19.26
CA HIS A 58 -17.63 -7.92 19.54
C HIS A 58 -18.52 -6.90 18.84
N VAL A 59 -19.81 -7.18 18.82
CA VAL A 59 -20.77 -6.28 18.18
C VAL A 59 -21.78 -5.76 19.20
N LYS A 60 -22.44 -6.68 19.90
CA LYS A 60 -23.42 -6.31 20.91
C LYS A 60 -23.75 -7.51 21.82
N ALA A 63 -20.77 -7.53 22.69
CA ALA A 63 -20.70 -6.57 23.79
C ALA A 63 -19.69 -5.47 23.50
N PRO A 64 -20.16 -4.22 23.41
CA PRO A 64 -19.29 -3.09 23.11
C PRO A 64 -18.67 -2.48 24.37
N ASN A 65 -18.94 -3.10 25.52
CA ASN A 65 -18.35 -2.66 26.77
C ASN A 65 -16.92 -3.18 26.89
N GLU A 66 -16.58 -4.10 26.00
CA GLU A 66 -15.25 -4.71 25.99
C GLU A 66 -14.42 -4.16 24.84
N PHE A 67 -13.10 -4.13 25.03
CA PHE A 67 -12.19 -3.64 24.00
C PHE A 67 -11.05 -4.62 23.79
N ASP A 68 -10.23 -4.35 22.79
CA ASP A 68 -9.08 -5.20 22.48
C ASP A 68 -7.95 -4.40 21.87
N VAL A 69 -6.78 -4.44 22.50
CA VAL A 69 -5.60 -3.75 22.01
C VAL A 69 -4.45 -4.74 21.85
N MET A 70 -3.57 -4.47 20.89
CA MET A 70 -2.45 -5.36 20.61
C MET A 70 -1.13 -4.59 20.55
N PHE A 71 -0.16 -5.01 21.35
CA PHE A 71 1.13 -4.36 21.39
C PHE A 71 2.18 -5.11 20.57
N LYS A 72 2.70 -4.46 19.53
CA LYS A 72 3.74 -5.06 18.70
C LYS A 72 5.13 -4.75 19.24
N LEU A 73 6.07 -5.65 18.95
CA LEU A 73 7.46 -5.48 19.37
C LEU A 73 8.38 -6.03 18.29
N GLU A 74 9.12 -5.14 17.64
CA GLU A 74 10.00 -5.54 16.55
C GLU A 74 11.18 -6.36 17.05
N VAL A 75 11.30 -7.58 16.53
CA VAL A 75 12.43 -8.44 16.87
C VAL A 75 13.26 -8.73 15.63
N PRO A 76 14.39 -8.02 15.49
CA PRO A 76 15.23 -8.11 14.28
C PRO A 76 16.01 -9.42 14.19
N ARG A 77 16.11 -9.94 12.98
CA ARG A 77 16.88 -11.15 12.69
C ARG A 77 16.47 -12.31 13.57
N ILE A 78 15.22 -12.75 13.43
CA ILE A 78 14.73 -13.89 14.20
C ILE A 78 14.63 -15.12 13.30
N GLN A 79 14.81 -16.28 13.90
CA GLN A 79 14.72 -17.54 13.19
C GLN A 79 13.69 -18.45 13.85
N LEU A 80 12.64 -18.81 13.11
CA LEU A 80 11.56 -19.61 13.65
C LEU A 80 11.85 -21.10 13.56
N GLU A 81 11.38 -21.85 14.55
CA GLU A 81 11.54 -23.30 14.55
C GLU A 81 10.18 -23.99 14.68
N GLU A 82 9.77 -24.68 13.62
CA GLU A 82 8.47 -25.35 13.59
C GLU A 82 8.38 -26.44 14.66
N TYR A 83 7.49 -26.23 15.62
CA TYR A 83 7.33 -27.17 16.73
C TYR A 83 6.39 -28.32 16.38
N SER A 84 6.95 -29.53 16.35
CA SER A 84 6.19 -30.77 16.14
C SER A 84 5.31 -30.73 14.88
N ASN A 85 5.78 -30.01 13.86
CA ASN A 85 5.10 -29.92 12.58
C ASN A 85 3.65 -29.41 12.71
N THR A 86 3.44 -28.48 13.63
CA THR A 86 2.11 -27.92 13.85
C THR A 86 1.79 -26.83 12.82
N ARG A 87 2.79 -26.48 12.02
CA ARG A 87 2.64 -25.53 10.92
C ARG A 87 2.29 -24.10 11.36
N ALA A 88 2.04 -23.91 12.65
CA ALA A 88 1.56 -22.60 13.13
C ALA A 88 2.29 -22.14 14.38
N TYR A 89 2.97 -23.06 15.05
CA TYR A 89 3.66 -22.75 16.29
C TYR A 89 5.17 -22.88 16.10
N TYR A 90 5.91 -21.90 16.58
CA TYR A 90 7.36 -21.86 16.36
C TYR A 90 8.13 -21.44 17.61
N PHE A 91 9.43 -21.72 17.60
CA PHE A 91 10.35 -21.21 18.63
C PHE A 91 11.15 -20.06 18.03
N VAL A 92 11.54 -19.10 18.87
CA VAL A 92 12.27 -17.93 18.41
C VAL A 92 13.76 -18.03 18.75
N LYS A 93 14.60 -18.10 17.72
CA LYS A 93 16.04 -18.12 17.90
C LYS A 93 16.71 -16.96 17.17
N PHE A 94 17.29 -16.03 17.92
CA PHE A 94 17.93 -14.87 17.33
C PHE A 94 19.15 -15.27 16.49
N LYS A 95 19.39 -14.54 15.41
CA LYS A 95 20.45 -14.89 14.45
C LYS A 95 21.86 -14.56 14.97
N ARG A 96 22.08 -13.32 15.38
CA ARG A 96 23.39 -12.87 15.80
C ARG A 96 23.37 -12.32 17.23
N ASN A 97 23.97 -13.07 18.15
CA ASN A 97 23.98 -12.71 19.56
C ASN A 97 25.27 -12.10 20.16
N PRO A 98 26.40 -12.03 19.41
CA PRO A 98 27.51 -11.29 20.02
C PRO A 98 27.18 -9.85 20.37
N LYS A 99 26.38 -9.18 19.55
CA LYS A 99 25.88 -7.86 19.90
C LYS A 99 24.84 -8.01 21.01
N GLU A 100 24.78 -7.05 21.92
CA GLU A 100 23.86 -7.13 23.04
C GLU A 100 22.41 -7.16 22.58
N ASN A 101 21.60 -7.97 23.26
CA ASN A 101 20.19 -8.15 22.90
C ASN A 101 19.29 -7.78 24.08
N PRO A 102 18.26 -6.97 23.83
CA PRO A 102 17.32 -6.51 24.87
C PRO A 102 16.54 -7.65 25.53
N LEU A 103 16.16 -8.66 24.75
CA LEU A 103 15.32 -9.74 25.27
C LEU A 103 16.14 -10.93 25.77
N SER A 104 17.43 -10.69 26.00
CA SER A 104 18.33 -11.76 26.47
C SER A 104 17.90 -12.30 27.83
N GLN A 105 17.17 -11.48 28.57
CA GLN A 105 16.68 -11.87 29.89
C GLN A 105 15.64 -12.98 29.79
N PHE A 106 15.00 -13.10 28.63
CA PHE A 106 13.96 -14.11 28.43
C PHE A 106 14.48 -15.31 27.65
N LEU A 107 15.71 -15.24 27.19
CA LEU A 107 16.30 -16.33 26.41
C LEU A 107 16.48 -17.59 27.25
N GLU A 108 15.84 -18.67 26.83
CA GLU A 108 15.98 -19.96 27.47
C GLU A 108 17.05 -20.77 26.74
N GLY A 109 18.22 -20.15 26.57
CA GLY A 109 19.28 -20.74 25.78
C GLY A 109 19.34 -20.08 24.42
N GLU A 110 18.94 -20.80 23.39
CA GLU A 110 18.82 -20.23 22.06
C GLU A 110 17.35 -19.93 21.78
N ILE A 111 16.47 -20.58 22.54
CA ILE A 111 15.03 -20.42 22.40
C ILE A 111 14.50 -19.33 23.33
N LEU A 112 13.69 -18.44 22.77
CA LEU A 112 13.07 -17.38 23.57
C LEU A 112 11.87 -17.91 24.36
N SER A 113 11.88 -17.67 25.66
CA SER A 113 10.80 -18.13 26.53
C SER A 113 9.62 -17.17 26.50
N ALA A 114 8.46 -17.68 26.11
CA ALA A 114 7.26 -16.85 26.04
C ALA A 114 6.70 -16.62 27.44
N SER A 115 6.84 -17.62 28.31
CA SER A 115 6.31 -17.56 29.66
C SER A 115 6.92 -16.42 30.46
N LYS A 116 8.23 -16.28 30.40
CA LYS A 116 8.92 -15.23 31.13
C LYS A 116 8.61 -13.86 30.54
N MET A 117 8.46 -13.81 29.22
CA MET A 117 8.11 -12.59 28.51
C MET A 117 6.75 -12.06 28.97
N LEU A 118 5.74 -12.92 28.89
CA LEU A 118 4.40 -12.56 29.33
C LEU A 118 4.37 -12.31 30.83
N SER A 119 5.27 -12.96 31.56
CA SER A 119 5.38 -12.79 33.00
C SER A 119 5.83 -11.37 33.34
N LYS A 120 6.87 -10.91 32.65
CA LYS A 120 7.41 -9.58 32.88
C LYS A 120 6.44 -8.51 32.39
N PHE A 121 5.83 -8.76 31.24
CA PHE A 121 4.85 -7.83 30.66
C PHE A 121 3.66 -7.64 31.59
N ARG A 122 3.04 -8.76 31.96
CA ARG A 122 1.91 -8.77 32.89
C ARG A 122 2.33 -8.22 34.25
N LYS A 123 3.61 -8.37 34.58
CA LYS A 123 4.14 -7.87 35.84
C LYS A 123 4.18 -6.35 35.85
N ILE A 124 4.74 -5.76 34.80
CA ILE A 124 4.82 -4.31 34.67
C ILE A 124 3.42 -3.70 34.62
N ILE A 125 2.56 -4.31 33.82
CA ILE A 125 1.17 -3.84 33.72
C ILE A 125 0.50 -3.92 35.10
N LYS A 126 0.73 -5.02 35.80
CA LYS A 126 0.15 -5.25 37.11
C LYS A 126 0.69 -4.24 38.13
N GLU A 127 1.90 -3.74 37.88
CA GLU A 127 2.49 -2.73 38.75
C GLU A 127 1.86 -1.35 38.47
N GLU A 128 1.55 -1.09 37.20
CA GLU A 128 0.98 0.21 36.85
C GLU A 128 -0.51 0.29 37.16
N ILE A 129 -1.14 -0.85 37.36
CA ILE A 129 -2.57 -0.91 37.62
C ILE A 129 -2.90 -0.61 39.08
N ASN A 130 -1.87 -0.38 39.88
CA ASN A 130 -2.05 -0.12 41.31
C ASN A 130 -2.45 1.32 41.59
N ASP A 131 -3.52 1.77 40.93
CA ASP A 131 -4.06 3.11 41.07
C ASP A 131 -3.00 4.22 40.95
N ILE A 132 -2.58 4.50 39.73
CA ILE A 132 -1.66 5.60 39.47
C ILE A 132 -2.42 6.67 38.70
N LYS A 133 -3.53 6.26 38.09
CA LYS A 133 -4.39 7.16 37.32
C LYS A 133 -5.53 7.68 38.18
N ASP A 134 -6.51 8.31 37.54
CA ASP A 134 -7.70 8.78 38.23
C ASP A 134 -8.83 7.77 38.08
N THR A 135 -8.63 6.81 37.20
CA THR A 135 -9.62 5.75 36.95
C THR A 135 -9.40 4.57 37.88
N ASP A 136 -10.46 3.80 38.12
CA ASP A 136 -10.37 2.62 38.98
C ASP A 136 -10.24 1.37 38.11
N VAL A 137 -9.02 0.86 38.02
CA VAL A 137 -8.73 -0.30 37.17
C VAL A 137 -8.19 -1.47 37.99
N ILE A 138 -8.75 -2.65 37.77
CA ILE A 138 -8.30 -3.85 38.47
C ILE A 138 -7.96 -4.93 37.46
N MET A 139 -6.93 -5.71 37.73
CA MET A 139 -6.49 -6.76 36.81
C MET A 139 -7.25 -8.06 37.05
N LYS A 140 -7.57 -8.75 35.97
CA LYS A 140 -8.29 -10.03 36.04
C LYS A 140 -7.31 -11.20 36.13
N ARG A 141 -7.82 -12.35 36.56
CA ARG A 141 -6.99 -13.54 36.72
C ARG A 141 -6.57 -14.11 35.36
N LYS A 142 -5.45 -14.82 35.36
CA LYS A 142 -4.98 -15.50 34.16
C LYS A 142 -5.91 -16.66 33.84
N ARG A 143 -6.43 -16.69 32.62
CA ARG A 143 -7.36 -17.75 32.24
C ARG A 143 -6.64 -19.07 31.97
N GLY A 144 -5.33 -18.99 31.74
CA GLY A 144 -4.53 -20.16 31.46
C GLY A 144 -4.32 -20.34 29.98
N GLY A 145 -3.09 -20.17 29.52
CA GLY A 145 -2.78 -20.27 28.10
C GLY A 145 -3.07 -18.99 27.34
N SER A 146 -3.99 -18.19 27.86
CA SER A 146 -4.36 -16.93 27.25
C SER A 146 -3.26 -15.89 27.44
N PRO A 147 -2.72 -15.38 26.34
CA PRO A 147 -1.65 -14.37 26.40
C PRO A 147 -2.19 -12.98 26.72
N ALA A 148 -3.50 -12.80 26.60
CA ALA A 148 -4.10 -11.50 26.84
C ALA A 148 -4.13 -11.18 28.33
N VAL A 149 -3.92 -9.91 28.66
CA VAL A 149 -4.02 -9.41 30.02
C VAL A 149 -5.20 -8.47 30.10
N THR A 150 -6.30 -8.95 30.65
CA THR A 150 -7.52 -8.16 30.73
C THR A 150 -7.52 -7.29 31.98
N LEU A 151 -7.99 -6.05 31.83
CA LEU A 151 -8.15 -5.15 32.97
C LEU A 151 -9.54 -4.54 32.93
N LEU A 152 -10.05 -4.19 34.11
CA LEU A 152 -11.41 -3.70 34.26
C LEU A 152 -11.42 -2.26 34.79
N ILE A 153 -12.08 -1.38 34.05
CA ILE A 153 -12.21 0.02 34.40
C ILE A 153 -13.65 0.31 34.81
N SER A 154 -13.80 0.96 35.97
CA SER A 154 -15.10 1.36 36.50
C SER A 154 -16.05 0.19 36.69
N GLU A 155 -15.48 -1.01 36.83
CA GLU A 155 -16.25 -2.25 36.96
C GLU A 155 -17.25 -2.42 35.84
N LYS A 156 -16.90 -1.92 34.65
CA LYS A 156 -17.81 -1.96 33.51
C LYS A 156 -17.09 -2.26 32.20
N ILE A 157 -15.87 -1.73 32.06
CA ILE A 157 -15.15 -1.84 30.79
C ILE A 157 -14.00 -2.84 30.89
N SER A 158 -13.98 -3.82 29.99
CA SER A 158 -12.92 -4.82 29.97
C SER A 158 -12.00 -4.62 28.77
N VAL A 159 -10.69 -4.53 29.01
CA VAL A 159 -9.73 -4.34 27.94
C VAL A 159 -8.64 -5.41 27.97
N ASP A 160 -8.48 -6.13 26.87
CA ASP A 160 -7.48 -7.18 26.77
C ASP A 160 -6.22 -6.68 26.09
N ILE A 161 -5.07 -6.87 26.73
CA ILE A 161 -3.81 -6.42 26.17
C ILE A 161 -2.97 -7.60 25.71
N THR A 162 -2.59 -7.60 24.44
CA THR A 162 -1.81 -8.71 23.88
C THR A 162 -0.47 -8.24 23.34
N LEU A 163 0.58 -9.01 23.64
CA LEU A 163 1.92 -8.68 23.17
C LEU A 163 2.27 -9.48 21.92
N ALA A 164 2.87 -8.82 20.94
CA ALA A 164 3.20 -9.47 19.68
C ALA A 164 4.66 -9.25 19.30
N LEU A 165 5.18 -10.13 18.44
CA LEU A 165 6.54 -10.01 17.95
C LEU A 165 6.54 -9.72 16.46
N GLU A 166 6.87 -8.48 16.10
CA GLU A 166 6.89 -8.08 14.70
C GLU A 166 8.15 -8.58 14.01
N SER A 167 7.96 -9.24 12.87
CA SER A 167 9.08 -9.73 12.06
C SER A 167 8.95 -9.24 10.63
N LYS A 168 9.79 -8.28 10.27
CA LYS A 168 9.75 -7.69 8.93
C LYS A 168 10.39 -8.60 7.88
N SER A 169 10.77 -9.80 8.30
CA SER A 169 11.37 -10.77 7.40
C SER A 169 10.31 -11.42 6.51
N SER A 170 10.75 -12.36 5.68
CA SER A 170 9.83 -13.06 4.78
C SER A 170 8.91 -13.98 5.55
N TRP A 171 7.69 -14.14 5.06
CA TRP A 171 6.70 -15.01 5.71
C TRP A 171 7.15 -16.46 5.64
N PRO A 172 6.83 -17.24 6.69
CA PRO A 172 7.16 -18.67 6.78
C PRO A 172 6.65 -19.48 5.60
N ALA A 173 7.25 -20.65 5.37
CA ALA A 173 6.92 -21.49 4.22
C ALA A 173 5.57 -22.16 4.38
N SER A 174 5.02 -22.13 5.58
CA SER A 174 3.72 -22.74 5.85
C SER A 174 2.60 -21.87 5.30
N THR A 175 2.92 -20.60 5.06
CA THR A 175 1.94 -19.65 4.54
C THR A 175 2.08 -19.49 3.03
N GLN A 176 2.86 -20.37 2.40
CA GLN A 176 3.14 -20.29 0.97
C GLN A 176 1.88 -20.44 0.13
N GLU A 177 1.07 -21.45 0.45
CA GLU A 177 -0.17 -21.71 -0.29
C GLU A 177 -1.35 -21.06 0.39
N GLY A 178 -1.08 -20.18 1.34
CA GLY A 178 -2.14 -19.48 2.06
C GLY A 178 -2.55 -18.20 1.37
N LEU A 179 -3.61 -17.57 1.90
CA LEU A 179 -4.11 -16.31 1.37
C LEU A 179 -4.42 -16.43 -0.12
N ARG A 180 -5.33 -17.34 -0.47
CA ARG A 180 -5.71 -17.56 -1.85
C ARG A 180 -6.69 -16.48 -2.32
N ILE A 181 -6.15 -15.28 -2.53
CA ILE A 181 -6.96 -14.14 -2.94
C ILE A 181 -6.58 -13.72 -4.36
N GLN A 182 -5.89 -14.61 -5.07
CA GLN A 182 -5.39 -14.31 -6.41
C GLN A 182 -6.51 -13.94 -7.38
N ASN A 183 -7.60 -14.69 -7.36
CA ASN A 183 -8.72 -14.41 -8.26
C ASN A 183 -9.65 -13.35 -7.66
N TRP A 184 -9.54 -13.16 -6.36
CA TRP A 184 -10.42 -12.24 -5.64
C TRP A 184 -9.86 -10.82 -5.65
N LEU A 185 -8.77 -10.61 -4.90
CA LEU A 185 -8.20 -9.28 -4.75
C LEU A 185 -6.96 -9.08 -5.61
N SER A 186 -6.72 -10.00 -6.54
CA SER A 186 -5.58 -10.00 -7.47
C SER A 186 -4.26 -10.42 -6.83
N ALA A 187 -3.41 -11.07 -7.62
CA ALA A 187 -2.11 -11.56 -7.15
C ALA A 187 -1.15 -10.41 -6.89
N LYS A 188 -1.51 -9.23 -7.38
CA LYS A 188 -0.73 -8.02 -7.14
C LYS A 188 -0.86 -7.61 -5.67
N VAL A 189 -2.11 -7.57 -5.19
CA VAL A 189 -2.39 -7.25 -3.80
C VAL A 189 -1.83 -8.32 -2.89
N ARG A 190 -1.90 -9.58 -3.31
CA ARG A 190 -1.33 -10.67 -2.52
C ARG A 190 0.17 -10.49 -2.42
N LYS A 191 0.79 -10.12 -3.54
CA LYS A 191 2.21 -9.85 -3.59
C LYS A 191 2.60 -8.79 -2.58
N GLN A 192 1.97 -7.62 -2.69
CA GLN A 192 2.33 -6.49 -1.84
C GLN A 192 1.97 -6.72 -0.37
N LEU A 193 0.96 -7.56 -0.13
CA LEU A 193 0.54 -7.87 1.23
C LEU A 193 1.53 -8.81 1.90
N ARG A 194 2.03 -9.78 1.14
CA ARG A 194 3.00 -10.72 1.67
C ARG A 194 4.37 -10.06 1.86
N LEU A 195 4.51 -8.84 1.33
CA LEU A 195 5.72 -8.05 1.56
C LEU A 195 5.54 -7.18 2.79
N LYS A 196 4.77 -7.70 3.75
CA LYS A 196 4.52 -7.00 5.00
C LYS A 196 4.95 -7.90 6.16
N PRO A 197 5.23 -7.30 7.33
CA PRO A 197 5.65 -8.10 8.48
C PRO A 197 4.55 -9.03 9.00
N PHE A 198 4.96 -10.15 9.58
CA PHE A 198 4.04 -11.08 10.21
C PHE A 198 4.26 -11.07 11.71
N TYR A 199 3.22 -11.28 12.50
CA TYR A 199 3.36 -11.15 13.94
C TYR A 199 3.40 -12.51 14.66
N LEU A 200 3.75 -12.48 15.94
CA LEU A 200 3.85 -13.70 16.73
C LEU A 200 3.24 -13.50 18.11
N VAL A 201 2.36 -14.42 18.51
CA VAL A 201 1.70 -14.31 19.81
C VAL A 201 2.05 -15.50 20.69
N PRO A 202 2.36 -15.24 21.97
CA PRO A 202 2.76 -16.30 22.90
C PRO A 202 1.60 -17.24 23.22
N LYS A 203 1.53 -18.36 22.50
CA LYS A 203 0.51 -19.37 22.74
C LYS A 203 1.07 -20.77 22.60
N HIS A 204 0.87 -21.59 23.63
CA HIS A 204 1.38 -22.96 23.61
C HIS A 204 0.42 -23.87 22.87
N ALA A 205 0.98 -24.83 22.13
CA ALA A 205 0.17 -25.79 21.39
C ALA A 205 -0.05 -27.05 22.21
N LYS A 206 -1.00 -27.87 21.79
CA LYS A 206 -1.32 -29.10 22.49
C LYS A 206 -0.34 -30.23 22.14
N GLU A 207 0.11 -30.93 23.17
CA GLU A 207 1.02 -32.07 22.98
C GLU A 207 0.41 -33.30 23.64
N GLY A 208 -0.79 -33.12 24.20
CA GLY A 208 -1.50 -34.17 24.88
C GLY A 208 -1.66 -33.92 26.37
N ASN A 209 -0.79 -34.55 27.17
CA ASN A 209 -0.87 -34.42 28.62
C ASN A 209 0.10 -33.36 29.13
N GLY A 210 0.21 -32.26 28.39
CA GLY A 210 1.12 -31.18 28.75
C GLY A 210 1.15 -30.04 27.77
N PHE A 211 2.00 -29.05 28.04
CA PHE A 211 2.14 -27.88 27.18
C PHE A 211 3.60 -27.44 27.12
N GLN A 212 3.90 -26.49 26.24
CA GLN A 212 5.27 -26.00 26.08
C GLN A 212 5.50 -24.64 26.74
N GLU A 213 4.52 -23.76 26.60
CA GLU A 213 4.61 -22.37 27.10
C GLU A 213 5.82 -21.61 26.56
N GLU A 214 6.42 -22.10 25.48
CA GLU A 214 7.57 -21.42 24.90
C GLU A 214 7.44 -21.33 23.38
N THR A 215 6.26 -21.65 22.87
CA THR A 215 6.00 -21.58 21.44
C THR A 215 5.27 -20.30 21.10
N TRP A 216 5.37 -19.89 19.84
CA TRP A 216 4.71 -18.68 19.36
C TRP A 216 3.89 -18.99 18.13
N ARG A 217 2.68 -18.46 18.08
CA ARG A 217 1.78 -18.66 16.96
C ARG A 217 1.88 -17.51 15.95
N LEU A 218 1.74 -17.85 14.68
CA LEU A 218 1.69 -16.85 13.61
C LEU A 218 0.40 -16.04 13.68
N SER A 219 0.54 -14.73 13.65
CA SER A 219 -0.61 -13.82 13.67
C SER A 219 -0.58 -12.91 12.46
N PHE A 220 -1.71 -12.85 11.75
CA PHE A 220 -1.87 -12.00 10.57
C PHE A 220 -3.12 -11.15 10.67
N SER A 221 -3.38 -10.61 11.87
CA SER A 221 -4.58 -9.82 12.13
C SER A 221 -4.64 -8.56 11.27
N HIS A 222 -3.47 -7.95 11.04
CA HIS A 222 -3.38 -6.73 10.27
C HIS A 222 -3.81 -6.95 8.82
N ILE A 223 -3.40 -8.08 8.25
CA ILE A 223 -3.79 -8.44 6.90
C ILE A 223 -5.30 -8.65 6.83
N GLU A 224 -5.86 -9.26 7.88
CA GLU A 224 -7.29 -9.48 7.96
C GLU A 224 -8.05 -8.16 7.99
N LYS A 225 -7.53 -7.20 8.75
CA LYS A 225 -8.12 -5.87 8.81
C LYS A 225 -8.04 -5.20 7.44
N GLU A 226 -6.91 -5.35 6.77
CA GLU A 226 -6.71 -4.75 5.47
C GLU A 226 -7.70 -5.28 4.43
N ILE A 227 -7.79 -6.61 4.33
CA ILE A 227 -8.68 -7.22 3.35
C ILE A 227 -10.14 -7.02 3.75
N LEU A 228 -10.37 -6.75 5.03
CA LEU A 228 -11.72 -6.50 5.51
C LEU A 228 -12.20 -5.10 5.11
N ASN A 229 -11.36 -4.10 5.34
CA ASN A 229 -11.70 -2.72 5.00
C ASN A 229 -11.50 -2.45 3.52
N ASN A 230 -11.01 -3.45 2.80
CA ASN A 230 -10.86 -3.38 1.35
C ASN A 230 -11.19 -4.74 0.78
N HIS A 231 -12.46 -4.97 0.49
CA HIS A 231 -12.99 -6.31 0.29
C HIS A 231 -13.43 -6.59 -1.15
N GLY A 232 -13.72 -5.54 -1.90
CA GLY A 232 -14.27 -5.70 -3.22
C GLY A 232 -13.22 -6.00 -4.29
N LYS A 233 -13.65 -6.70 -5.34
CA LYS A 233 -12.81 -6.91 -6.50
C LYS A 233 -12.64 -5.59 -7.22
N SER A 234 -13.66 -4.74 -7.12
CA SER A 234 -13.60 -3.39 -7.62
C SER A 234 -13.03 -2.47 -6.56
N LYS A 235 -12.22 -1.51 -6.97
CA LYS A 235 -11.57 -0.60 -6.04
C LYS A 235 -12.58 0.37 -5.43
N THR A 236 -13.64 0.67 -6.18
CA THR A 236 -14.67 1.59 -5.72
C THR A 236 -15.85 0.84 -5.09
N CYS A 237 -15.61 -0.38 -4.63
CA CYS A 237 -16.65 -1.18 -4.00
C CYS A 237 -17.13 -0.49 -2.73
N CYS A 238 -18.45 -0.38 -2.60
CA CYS A 238 -19.10 0.28 -1.47
C CYS A 238 -18.72 1.75 -1.37
N GLU A 239 -18.40 2.37 -2.50
CA GLU A 239 -18.13 3.80 -2.53
C GLU A 239 -19.24 4.54 -3.28
N ASN A 240 -20.13 3.78 -3.89
CA ASN A 240 -21.29 4.35 -4.58
C ASN A 240 -22.49 3.43 -4.49
N LYS A 241 -23.68 3.96 -4.81
CA LYS A 241 -24.93 3.21 -4.65
C LYS A 241 -25.02 2.03 -5.61
N GLU A 242 -24.24 2.06 -6.68
CA GLU A 242 -24.28 1.00 -7.69
C GLU A 242 -23.33 -0.15 -7.38
N GLU A 243 -22.44 0.05 -6.40
CA GLU A 243 -21.45 -0.96 -6.05
C GLU A 243 -21.48 -1.33 -4.57
N LYS A 244 -22.64 -1.15 -3.93
CA LYS A 244 -22.80 -1.52 -2.54
C LYS A 244 -22.93 -3.04 -2.39
N CYS A 245 -22.04 -3.64 -1.60
CA CYS A 245 -22.08 -5.08 -1.38
C CYS A 245 -22.49 -5.41 0.05
N CYS A 246 -22.51 -6.70 0.40
CA CYS A 246 -22.97 -7.12 1.71
C CYS A 246 -22.01 -8.07 2.42
N ARG A 247 -20.72 -7.95 2.12
CA ARG A 247 -19.72 -8.81 2.74
C ARG A 247 -19.62 -8.55 4.25
N LYS A 248 -19.34 -7.31 4.61
CA LYS A 248 -19.22 -6.91 6.00
C LYS A 248 -20.49 -7.25 6.78
N ASP A 249 -21.63 -7.05 6.13
CA ASP A 249 -22.93 -7.36 6.74
C ASP A 249 -23.03 -8.85 7.06
N CYS A 250 -22.61 -9.69 6.12
CA CYS A 250 -22.60 -11.13 6.33
C CYS A 250 -21.70 -11.51 7.49
N LEU A 251 -20.51 -10.91 7.54
CA LEU A 251 -19.59 -11.20 8.63
C LEU A 251 -20.19 -10.81 9.99
N LYS A 252 -20.75 -9.61 10.06
CA LYS A 252 -21.41 -9.15 11.28
C LYS A 252 -22.51 -10.11 11.70
N LEU A 253 -23.31 -10.55 10.73
CA LEU A 253 -24.42 -11.46 11.00
C LEU A 253 -23.95 -12.80 11.55
N MET A 254 -22.90 -13.36 10.94
CA MET A 254 -22.35 -14.63 11.38
C MET A 254 -21.77 -14.53 12.79
N LYS A 255 -20.96 -13.49 13.01
CA LYS A 255 -20.33 -13.26 14.30
C LYS A 255 -21.39 -13.09 15.39
N TYR A 256 -22.42 -12.29 15.10
CA TYR A 256 -23.49 -12.03 16.06
C TYR A 256 -24.28 -13.30 16.35
N LEU A 257 -24.48 -14.13 15.33
CA LEU A 257 -25.14 -15.40 15.51
C LEU A 257 -24.37 -16.26 16.50
N LEU A 258 -23.07 -16.42 16.25
CA LEU A 258 -22.23 -17.22 17.13
C LEU A 258 -22.22 -16.67 18.55
N GLU A 259 -22.12 -15.35 18.68
CA GLU A 259 -22.11 -14.70 19.98
C GLU A 259 -23.40 -14.96 20.75
N GLN A 260 -24.52 -14.86 20.05
CA GLN A 260 -25.83 -15.08 20.67
C GLN A 260 -25.98 -16.53 21.11
N LEU A 261 -25.50 -17.46 20.28
CA LEU A 261 -25.57 -18.87 20.63
C LEU A 261 -24.66 -19.21 21.81
N LYS A 262 -23.49 -18.59 21.85
CA LYS A 262 -22.55 -18.80 22.95
C LYS A 262 -23.11 -18.20 24.24
N GLU A 263 -23.85 -17.11 24.10
CA GLU A 263 -24.45 -16.45 25.24
C GLU A 263 -25.61 -17.27 25.79
N ARG A 264 -26.42 -17.83 24.89
CA ARG A 264 -27.58 -18.62 25.29
C ARG A 264 -27.15 -19.88 26.05
N PHE A 265 -26.02 -20.45 25.64
CA PHE A 265 -25.53 -21.67 26.28
C PHE A 265 -24.25 -21.41 27.06
N LYS A 266 -24.26 -20.38 27.90
CA LYS A 266 -23.09 -20.04 28.71
C LYS A 266 -22.85 -21.05 29.83
N ASP A 267 -23.92 -21.70 30.26
CA ASP A 267 -23.84 -22.69 31.33
C ASP A 267 -23.03 -23.91 30.90
N LYS A 268 -23.38 -24.47 29.75
CA LYS A 268 -22.67 -25.62 29.19
C LYS A 268 -21.33 -25.17 28.61
N LYS A 269 -20.51 -26.13 28.21
CA LYS A 269 -19.18 -25.83 27.68
C LYS A 269 -19.03 -26.28 26.23
N HIS A 270 -20.16 -26.55 25.57
CA HIS A 270 -20.14 -27.08 24.22
C HIS A 270 -19.75 -26.03 23.18
N LEU A 271 -19.80 -24.76 23.56
CA LEU A 271 -19.49 -23.68 22.61
C LEU A 271 -18.29 -22.86 23.05
N ASP A 272 -17.67 -23.25 24.16
CA ASP A 272 -16.56 -22.51 24.71
C ASP A 272 -15.31 -22.63 23.85
N LYS A 273 -15.25 -23.67 23.02
CA LYS A 273 -14.09 -23.86 22.16
C LYS A 273 -14.31 -23.28 20.76
N PHE A 274 -15.36 -22.48 20.62
CA PHE A 274 -15.64 -21.83 19.34
C PHE A 274 -15.50 -20.32 19.48
N SER A 275 -14.69 -19.72 18.60
CA SER A 275 -14.47 -18.28 18.62
C SER A 275 -14.99 -17.63 17.35
N SER A 276 -15.03 -16.30 17.37
CA SER A 276 -15.44 -15.53 16.22
C SER A 276 -14.40 -15.64 15.09
N TYR A 277 -13.21 -16.13 15.43
CA TYR A 277 -12.16 -16.29 14.44
C TYR A 277 -12.46 -17.43 13.46
N HIS A 278 -13.15 -18.46 13.95
CA HIS A 278 -13.59 -19.54 13.08
C HIS A 278 -14.58 -18.99 12.06
N VAL A 279 -15.44 -18.11 12.54
CA VAL A 279 -16.43 -17.43 11.72
C VAL A 279 -15.76 -16.55 10.67
N LYS A 280 -14.77 -15.77 11.10
CA LYS A 280 -14.03 -14.87 10.22
C LYS A 280 -13.28 -15.64 9.15
N THR A 281 -12.65 -16.74 9.56
CA THR A 281 -11.92 -17.61 8.65
C THR A 281 -12.85 -18.20 7.60
N ALA A 282 -13.94 -18.79 8.07
CA ALA A 282 -14.95 -19.36 7.18
C ALA A 282 -15.45 -18.31 6.20
N PHE A 283 -15.64 -17.09 6.69
CA PHE A 283 -16.08 -15.98 5.85
C PHE A 283 -15.07 -15.68 4.76
N PHE A 284 -13.79 -15.69 5.12
CA PHE A 284 -12.73 -15.45 4.14
C PHE A 284 -12.73 -16.54 3.07
N HIS A 285 -12.94 -17.79 3.49
CA HIS A 285 -13.01 -18.90 2.56
C HIS A 285 -14.17 -18.72 1.59
N VAL A 286 -15.30 -18.24 2.12
CA VAL A 286 -16.46 -17.96 1.28
C VAL A 286 -16.14 -16.84 0.28
N CYS A 287 -15.39 -15.84 0.74
CA CYS A 287 -14.97 -14.74 -0.12
C CYS A 287 -14.09 -15.23 -1.26
N THR A 288 -13.26 -16.23 -0.97
CA THR A 288 -12.45 -16.86 -2.00
C THR A 288 -13.35 -17.62 -2.96
N GLN A 289 -14.35 -18.31 -2.42
CA GLN A 289 -15.30 -19.07 -3.24
C GLN A 289 -16.24 -18.16 -4.03
N ASN A 290 -16.32 -16.89 -3.64
CA ASN A 290 -17.16 -15.92 -4.34
C ASN A 290 -16.41 -14.60 -4.54
N PRO A 291 -15.52 -14.55 -5.53
CA PRO A 291 -14.65 -13.40 -5.79
C PRO A 291 -15.36 -12.21 -6.45
N GLN A 292 -16.44 -12.47 -7.17
CA GLN A 292 -17.17 -11.41 -7.87
C GLN A 292 -18.05 -10.61 -6.92
N ASP A 293 -18.06 -9.30 -7.09
CA ASP A 293 -18.89 -8.42 -6.26
C ASP A 293 -20.36 -8.66 -6.55
N SER A 294 -20.65 -9.14 -7.75
CA SER A 294 -22.02 -9.44 -8.17
C SER A 294 -22.59 -10.59 -7.33
N GLN A 295 -21.71 -11.45 -6.84
CA GLN A 295 -22.10 -12.56 -5.97
C GLN A 295 -22.42 -12.06 -4.57
N TRP A 296 -22.13 -10.78 -4.33
CA TRP A 296 -22.36 -10.18 -3.03
C TRP A 296 -23.27 -8.95 -3.12
N ASP A 297 -24.32 -9.04 -3.94
CA ASP A 297 -25.24 -7.91 -4.09
C ASP A 297 -26.01 -7.69 -2.78
N ARG A 298 -26.25 -6.42 -2.44
CA ARG A 298 -26.89 -6.08 -1.18
C ARG A 298 -28.35 -6.52 -1.14
N LYS A 299 -28.92 -6.78 -2.31
CA LYS A 299 -30.30 -7.24 -2.39
C LYS A 299 -30.34 -8.75 -2.22
N ASP A 300 -29.16 -9.38 -2.23
CA ASP A 300 -29.06 -10.83 -2.08
C ASP A 300 -28.54 -11.21 -0.70
N LEU A 301 -28.62 -10.25 0.24
CA LEU A 301 -28.10 -10.43 1.59
C LEU A 301 -28.59 -11.73 2.22
N GLY A 302 -29.86 -12.03 2.02
CA GLY A 302 -30.44 -13.27 2.51
C GLY A 302 -29.68 -14.47 1.96
N LEU A 303 -29.62 -14.56 0.63
CA LEU A 303 -28.93 -15.68 -0.04
C LEU A 303 -27.49 -15.80 0.42
N CYS A 304 -26.72 -14.73 0.21
CA CYS A 304 -25.30 -14.68 0.58
C CYS A 304 -25.06 -15.20 1.99
N PHE A 305 -25.77 -14.61 2.95
CA PHE A 305 -25.64 -14.99 4.35
C PHE A 305 -25.88 -16.47 4.53
N ASP A 306 -26.96 -16.96 3.92
CA ASP A 306 -27.30 -18.37 3.99
C ASP A 306 -26.10 -19.20 3.55
N ASN A 307 -25.53 -18.79 2.42
CA ASN A 307 -24.35 -19.46 1.87
C ASN A 307 -23.29 -19.60 2.94
N CYS A 308 -22.95 -18.48 3.58
CA CYS A 308 -21.94 -18.48 4.62
C CYS A 308 -22.28 -19.51 5.69
N VAL A 309 -23.53 -19.45 6.16
CA VAL A 309 -24.01 -20.34 7.19
C VAL A 309 -23.77 -21.76 6.73
N THR A 310 -24.19 -22.04 5.51
CA THR A 310 -24.08 -23.37 4.94
C THR A 310 -22.63 -23.80 5.03
N TYR A 311 -21.75 -22.97 4.49
CA TYR A 311 -20.33 -23.30 4.46
C TYR A 311 -19.84 -23.60 5.86
N PHE A 312 -20.18 -22.73 6.81
CA PHE A 312 -19.73 -22.91 8.18
C PHE A 312 -20.18 -24.28 8.67
N LEU A 313 -21.45 -24.57 8.46
CA LEU A 313 -22.03 -25.85 8.85
C LEU A 313 -21.22 -26.99 8.27
N GLN A 314 -20.89 -26.88 6.98
CA GLN A 314 -20.14 -27.91 6.29
C GLN A 314 -18.84 -28.19 7.01
N CYS A 315 -18.15 -27.13 7.41
CA CYS A 315 -16.90 -27.26 8.14
C CYS A 315 -17.15 -28.08 9.40
N LEU A 316 -18.15 -27.67 10.17
CA LEU A 316 -18.52 -28.36 11.39
C LEU A 316 -18.90 -29.81 11.11
N ARG A 317 -19.47 -30.03 9.93
CA ARG A 317 -19.96 -31.35 9.57
C ARG A 317 -18.80 -32.23 9.11
N THR A 318 -17.73 -31.59 8.65
CA THR A 318 -16.62 -32.33 8.08
C THR A 318 -15.37 -32.20 8.95
N GLU A 319 -15.50 -31.42 10.03
CA GLU A 319 -14.39 -31.19 10.96
C GLU A 319 -13.17 -30.66 10.22
N LYS A 320 -13.41 -29.82 9.22
CA LYS A 320 -12.34 -29.23 8.43
C LYS A 320 -12.51 -27.73 8.31
N LEU A 321 -11.61 -26.99 8.94
CA LEU A 321 -11.57 -25.54 8.76
C LEU A 321 -10.12 -25.08 8.72
N GLU A 322 -9.58 -24.92 7.51
CA GLU A 322 -8.19 -24.54 7.33
C GLU A 322 -7.95 -23.08 7.72
N ASN A 323 -6.81 -22.83 8.35
CA ASN A 323 -6.40 -21.46 8.62
C ASN A 323 -6.22 -20.75 7.28
N TYR A 324 -6.79 -19.57 7.15
CA TYR A 324 -6.82 -18.87 5.86
C TYR A 324 -5.43 -18.49 5.37
N PHE A 325 -4.45 -18.47 6.28
CA PHE A 325 -3.08 -18.16 5.92
C PHE A 325 -2.22 -19.43 5.96
N ILE A 326 -2.57 -20.35 6.84
CA ILE A 326 -1.85 -21.61 6.98
C ILE A 326 -2.77 -22.77 6.63
N PRO A 327 -2.79 -23.16 5.35
CA PRO A 327 -3.71 -24.17 4.80
C PRO A 327 -3.67 -25.50 5.53
N GLU A 328 -2.49 -25.93 5.92
CA GLU A 328 -2.31 -27.22 6.58
C GLU A 328 -2.80 -27.21 8.02
N PHE A 329 -2.89 -26.01 8.60
CA PHE A 329 -3.36 -25.87 9.97
C PHE A 329 -4.89 -25.90 10.01
N ASN A 330 -5.43 -26.95 10.61
CA ASN A 330 -6.88 -27.14 10.68
C ASN A 330 -7.44 -26.66 12.01
N LEU A 331 -8.44 -25.80 11.96
CA LEU A 331 -9.02 -25.22 13.17
C LEU A 331 -10.06 -26.13 13.80
N PHE A 332 -10.66 -27.00 13.00
CA PHE A 332 -11.74 -27.87 13.47
C PHE A 332 -11.30 -29.32 13.61
N SER A 333 -10.01 -29.55 13.79
CA SER A 333 -9.49 -30.91 13.93
C SER A 333 -10.03 -31.55 15.20
N SER A 334 -10.04 -32.87 15.23
CA SER A 334 -10.55 -33.62 16.38
C SER A 334 -9.70 -33.38 17.61
N ASN A 335 -8.43 -33.06 17.40
CA ASN A 335 -7.51 -32.81 18.51
C ASN A 335 -7.85 -31.52 19.24
N LEU A 336 -8.29 -30.52 18.49
CA LEU A 336 -8.63 -29.22 19.07
C LEU A 336 -10.06 -29.22 19.61
N ILE A 337 -11.02 -29.46 18.73
CA ILE A 337 -12.42 -29.46 19.11
C ILE A 337 -13.04 -30.84 18.88
N ASP A 338 -13.79 -31.32 19.86
CA ASP A 338 -14.38 -32.66 19.79
C ASP A 338 -15.65 -32.66 18.95
N LYS A 339 -15.98 -33.84 18.42
CA LYS A 339 -17.11 -34.02 17.51
C LYS A 339 -18.44 -33.63 18.17
N ARG A 340 -18.55 -33.88 19.47
CA ARG A 340 -19.77 -33.59 20.22
C ARG A 340 -20.15 -32.11 20.15
N SER A 341 -19.16 -31.25 20.40
CA SER A 341 -19.39 -29.80 20.37
C SER A 341 -19.82 -29.34 19.00
N LYS A 342 -19.13 -29.82 17.97
CA LYS A 342 -19.42 -29.44 16.59
C LYS A 342 -20.81 -29.91 16.16
N GLU A 343 -21.20 -31.10 16.62
CA GLU A 343 -22.54 -31.63 16.35
C GLU A 343 -23.59 -30.78 17.04
N PHE A 344 -23.28 -30.36 18.27
CA PHE A 344 -24.16 -29.47 19.01
C PHE A 344 -24.38 -28.17 18.25
N LEU A 345 -23.29 -27.58 17.79
CA LEU A 345 -23.36 -26.30 17.08
C LEU A 345 -24.08 -26.44 15.73
N THR A 346 -23.89 -27.58 15.05
CA THR A 346 -24.62 -27.84 13.81
C THR A 346 -26.12 -27.90 14.12
N LYS A 347 -26.47 -28.60 15.18
CA LYS A 347 -27.87 -28.72 15.57
C LYS A 347 -28.50 -27.36 15.86
N GLN A 348 -27.83 -26.56 16.68
CA GLN A 348 -28.34 -25.25 17.07
C GLN A 348 -28.48 -24.33 15.86
N ILE A 349 -27.41 -24.21 15.08
CA ILE A 349 -27.41 -23.35 13.91
C ILE A 349 -28.48 -23.77 12.89
N GLU A 350 -28.57 -25.08 12.65
CA GLU A 350 -29.56 -25.61 11.72
C GLU A 350 -30.97 -25.26 12.20
N TYR A 351 -31.20 -25.35 13.50
CA TYR A 351 -32.49 -24.95 14.06
C TYR A 351 -32.76 -23.47 13.80
N GLU A 352 -31.74 -22.65 14.03
CA GLU A 352 -31.87 -21.21 13.83
C GLU A 352 -32.26 -20.88 12.39
N ARG A 353 -31.55 -21.49 11.45
CA ARG A 353 -31.81 -21.27 10.04
C ARG A 353 -33.19 -21.78 9.65
N ASN A 354 -33.59 -22.90 10.22
CA ASN A 354 -34.88 -23.49 9.88
C ASN A 354 -36.05 -22.73 10.49
N ASN A 355 -35.78 -21.92 11.51
CA ASN A 355 -36.87 -21.19 12.16
C ASN A 355 -36.67 -19.67 12.15
N GLU A 356 -36.17 -19.15 11.03
CA GLU A 356 -36.06 -17.71 10.79
C GLU A 356 -35.19 -16.99 11.83
N PHE A 357 -34.23 -17.70 12.42
CA PHE A 357 -33.29 -17.14 13.38
C PHE A 357 -33.95 -16.38 14.53
N PRO A 358 -34.60 -17.11 15.44
CA PRO A 358 -35.26 -16.47 16.59
C PRO A 358 -34.26 -15.98 17.64
N VAL A 359 -33.00 -16.38 17.49
CA VAL A 359 -31.97 -16.03 18.47
C VAL A 359 -31.56 -14.57 18.30
N PHE A 360 -31.89 -14.00 17.15
CA PHE A 360 -31.57 -12.60 16.88
C PHE A 360 -32.47 -11.68 17.69
N ASP A 361 -33.70 -12.14 17.92
CA ASP A 361 -34.67 -11.35 18.68
C ASP A 361 -34.54 -11.60 20.18
N GLU A 362 -33.34 -11.97 20.62
CA GLU A 362 -33.08 -12.22 22.03
C GLU A 362 -32.04 -11.24 22.58
N MET B 1 -9.05 3.61 -36.65
CA MET B 1 -7.77 2.95 -36.90
C MET B 1 -7.85 1.47 -36.54
N GLY B 2 -7.29 0.63 -37.41
CA GLY B 2 -7.28 -0.80 -37.15
C GLY B 2 -6.47 -1.19 -35.94
N ALA B 3 -7.06 -2.01 -35.07
CA ALA B 3 -6.39 -2.47 -33.86
C ALA B 3 -5.21 -3.38 -34.19
N SER B 4 -5.29 -4.05 -35.34
CA SER B 4 -4.24 -4.96 -35.76
C SER B 4 -3.04 -4.20 -36.35
N LYS B 5 -3.31 -3.02 -36.88
CA LYS B 5 -2.26 -2.15 -37.40
C LYS B 5 -1.46 -1.54 -36.25
N LEU B 6 -2.20 -0.98 -35.29
CA LEU B 6 -1.60 -0.40 -34.09
C LEU B 6 -0.88 -1.47 -33.28
N ARG B 7 -1.50 -2.63 -33.13
CA ARG B 7 -0.89 -3.72 -32.40
C ARG B 7 0.27 -4.34 -33.17
N ALA B 8 0.28 -4.13 -34.49
CA ALA B 8 1.42 -4.55 -35.29
C ALA B 8 2.58 -3.62 -34.96
N VAL B 9 2.28 -2.32 -34.85
CA VAL B 9 3.30 -1.35 -34.47
C VAL B 9 3.86 -1.63 -33.08
N LEU B 10 2.97 -1.88 -32.11
CA LEU B 10 3.37 -2.17 -30.74
C LEU B 10 4.13 -3.49 -30.64
N GLU B 11 3.74 -4.46 -31.46
CA GLU B 11 4.43 -5.73 -31.53
C GLU B 11 5.84 -5.51 -32.05
N LYS B 12 5.96 -4.60 -33.00
CA LYS B 12 7.26 -4.23 -33.57
C LYS B 12 8.13 -3.54 -32.52
N LEU B 13 7.51 -2.71 -31.69
CA LEU B 13 8.23 -1.98 -30.67
C LEU B 13 8.87 -2.91 -29.64
N LYS B 14 8.21 -4.05 -29.39
CA LYS B 14 8.69 -5.00 -28.40
C LYS B 14 10.04 -5.58 -28.82
N LEU B 15 11.07 -5.30 -28.03
CA LEU B 15 12.42 -5.76 -28.32
C LEU B 15 12.81 -6.96 -27.47
N SER B 16 13.86 -7.66 -27.90
CA SER B 16 14.34 -8.84 -27.20
C SER B 16 14.90 -8.48 -25.82
N ARG B 17 14.96 -9.48 -24.95
CA ARG B 17 15.45 -9.27 -23.58
C ARG B 17 16.96 -8.99 -23.57
N ASP B 18 17.66 -9.50 -24.57
CA ASP B 18 19.12 -9.34 -24.65
C ASP B 18 19.51 -7.88 -24.86
N ASP B 19 18.80 -7.20 -25.76
CA ASP B 19 19.10 -5.81 -26.10
C ASP B 19 18.76 -4.85 -24.96
N ILE B 20 17.87 -5.28 -24.08
CA ILE B 20 17.43 -4.42 -22.98
C ILE B 20 18.18 -4.80 -21.69
N SER B 21 18.83 -5.95 -21.70
CA SER B 21 19.52 -6.45 -20.52
C SER B 21 21.02 -6.18 -20.58
N THR B 22 21.60 -6.32 -21.77
CA THR B 22 23.04 -6.13 -21.97
C THR B 22 23.49 -4.74 -21.54
N ALA B 23 22.67 -3.73 -21.85
CA ALA B 23 22.98 -2.36 -21.45
C ALA B 23 22.62 -2.12 -19.99
N ALA B 24 21.48 -2.65 -19.56
CA ALA B 24 21.00 -2.46 -18.20
C ALA B 24 21.96 -3.04 -17.16
N GLY B 25 22.74 -4.04 -17.57
CA GLY B 25 23.74 -4.60 -16.69
C GLY B 25 24.85 -3.61 -16.38
N MET B 26 25.40 -3.02 -17.43
CA MET B 26 26.48 -2.05 -17.30
C MET B 26 25.98 -0.79 -16.59
N VAL B 27 24.80 -0.33 -16.98
CA VAL B 27 24.19 0.85 -16.36
C VAL B 27 23.97 0.60 -14.88
N LYS B 28 23.44 -0.57 -14.53
CA LYS B 28 23.21 -0.94 -13.14
C LYS B 28 24.53 -0.98 -12.38
N GLY B 29 25.57 -1.47 -13.03
CA GLY B 29 26.89 -1.49 -12.43
C GLY B 29 27.40 -0.10 -12.11
N VAL B 30 27.27 0.81 -13.07
CA VAL B 30 27.70 2.19 -12.89
C VAL B 30 26.92 2.86 -11.77
N VAL B 31 25.61 2.67 -11.77
CA VAL B 31 24.74 3.25 -10.75
C VAL B 31 25.12 2.74 -9.37
N ASP B 32 25.25 1.42 -9.23
CA ASP B 32 25.62 0.81 -7.96
C ASP B 32 27.00 1.28 -7.51
N HIS B 33 27.85 1.61 -8.48
CA HIS B 33 29.19 2.11 -8.18
C HIS B 33 29.12 3.54 -7.64
N LEU B 34 28.27 4.36 -8.25
CA LEU B 34 28.12 5.76 -7.86
C LEU B 34 27.44 5.92 -6.50
N LEU B 35 26.43 5.09 -6.26
CA LEU B 35 25.65 5.18 -5.02
C LEU B 35 26.48 5.06 -3.75
N LEU B 36 27.50 4.20 -3.81
CA LEU B 36 28.37 3.98 -2.66
C LEU B 36 29.25 5.20 -2.39
N ARG B 37 29.78 5.78 -3.46
CA ARG B 37 30.70 6.91 -3.36
C ARG B 37 29.97 8.22 -3.09
N LEU B 38 28.67 8.26 -3.38
CA LEU B 38 27.87 9.44 -3.09
C LEU B 38 27.77 9.66 -1.59
N LYS B 39 27.85 8.57 -0.83
CA LYS B 39 27.72 8.62 0.62
C LYS B 39 29.02 9.07 1.29
N CYS B 40 30.03 9.35 0.49
CA CYS B 40 31.31 9.83 0.99
C CYS B 40 31.19 11.26 1.49
N ASP B 41 30.20 11.99 0.95
CA ASP B 41 29.94 13.35 1.37
C ASP B 41 28.81 13.36 2.39
N SER B 42 28.87 14.30 3.33
CA SER B 42 27.89 14.38 4.41
C SER B 42 26.51 14.80 3.91
N ALA B 43 26.49 15.53 2.80
CA ALA B 43 25.24 16.01 2.21
C ALA B 43 24.46 14.88 1.55
N PHE B 44 25.16 14.07 0.77
CA PHE B 44 24.50 12.99 0.02
C PHE B 44 24.54 11.65 0.74
N ARG B 45 24.50 11.67 2.06
CA ARG B 45 24.49 10.44 2.84
C ARG B 45 23.11 9.79 2.81
N GLY B 46 22.07 10.61 2.90
CA GLY B 46 20.71 10.12 2.86
C GLY B 46 20.15 10.00 1.46
N VAL B 47 21.02 9.65 0.52
CA VAL B 47 20.61 9.50 -0.88
C VAL B 47 20.27 8.05 -1.17
N GLY B 48 19.49 7.82 -2.23
CA GLY B 48 19.14 6.47 -2.64
C GLY B 48 18.47 6.44 -4.00
N LEU B 49 18.76 5.40 -4.78
CA LEU B 49 18.17 5.26 -6.10
C LEU B 49 16.67 4.99 -6.00
N LEU B 50 15.86 5.96 -6.43
CA LEU B 50 14.42 5.80 -6.44
C LEU B 50 13.99 4.86 -7.56
N ASN B 51 13.38 3.73 -7.20
CA ASN B 51 12.99 2.73 -8.17
C ASN B 51 11.90 3.26 -9.11
N THR B 52 12.32 3.83 -10.23
CA THR B 52 11.40 4.35 -11.23
C THR B 52 11.56 3.63 -12.56
N GLY B 53 12.51 2.70 -12.61
CA GLY B 53 12.78 1.95 -13.83
C GLY B 53 14.03 2.41 -14.54
N ILE B 61 11.18 5.47 -25.27
CA ILE B 61 10.36 4.48 -25.95
C ILE B 61 10.91 4.20 -27.34
N SER B 62 11.16 5.26 -28.09
CA SER B 62 11.70 5.14 -29.44
C SER B 62 13.12 4.57 -29.40
N ALA B 63 14.03 5.29 -28.75
CA ALA B 63 15.41 4.84 -28.62
C ALA B 63 15.67 4.27 -27.24
N PRO B 64 15.98 2.97 -27.17
CA PRO B 64 16.25 2.26 -25.91
C PRO B 64 17.72 2.32 -25.49
N ASN B 65 18.53 3.07 -26.22
CA ASN B 65 19.94 3.24 -25.87
C ASN B 65 20.10 4.26 -24.76
N GLU B 66 19.04 4.99 -24.47
CA GLU B 66 19.08 6.00 -23.42
C GLU B 66 18.30 5.53 -22.20
N PHE B 67 18.73 5.97 -21.02
CA PHE B 67 18.07 5.60 -19.77
C PHE B 67 17.81 6.81 -18.90
N ASP B 68 17.10 6.62 -17.80
CA ASP B 68 16.81 7.70 -16.88
C ASP B 68 16.67 7.18 -15.45
N VAL B 69 17.51 7.70 -14.55
CA VAL B 69 17.49 7.31 -13.14
C VAL B 69 17.33 8.55 -12.28
N MET B 70 16.71 8.39 -11.12
CA MET B 70 16.45 9.51 -10.23
C MET B 70 16.88 9.19 -8.80
N PHE B 71 17.73 10.05 -8.23
CA PHE B 71 18.25 9.87 -6.89
C PHE B 71 17.48 10.70 -5.87
N LYS B 72 16.84 10.02 -4.92
CA LYS B 72 16.10 10.72 -3.87
C LYS B 72 17.01 11.01 -2.68
N LEU B 73 16.66 12.06 -1.94
CA LEU B 73 17.42 12.47 -0.77
C LEU B 73 16.45 13.00 0.29
N GLU B 74 16.36 12.30 1.41
CA GLU B 74 15.42 12.69 2.47
C GLU B 74 15.80 14.00 3.12
N VAL B 75 14.91 14.98 3.02
CA VAL B 75 15.13 16.28 3.65
C VAL B 75 14.03 16.54 4.67
N PRO B 76 14.34 16.34 5.97
CA PRO B 76 13.36 16.45 7.06
C PRO B 76 12.96 17.89 7.40
N ARG B 77 11.70 18.09 7.71
CA ARG B 77 11.18 19.40 8.15
C ARG B 77 11.49 20.52 7.16
N ILE B 78 10.89 20.44 5.97
CA ILE B 78 11.08 21.47 4.95
C ILE B 78 9.86 22.38 4.87
N GLN B 79 10.10 23.64 4.49
CA GLN B 79 9.04 24.62 4.34
C GLN B 79 9.08 25.21 2.93
N LEU B 80 8.00 25.02 2.17
CA LEU B 80 7.96 25.46 0.79
C LEU B 80 7.50 26.91 0.65
N GLU B 81 8.04 27.60 -0.35
CA GLU B 81 7.63 28.98 -0.64
C GLU B 81 7.18 29.12 -2.09
N GLU B 82 5.90 29.36 -2.29
CA GLU B 82 5.35 29.48 -3.65
C GLU B 82 5.95 30.66 -4.39
N TYR B 83 6.69 30.38 -5.45
CA TYR B 83 7.35 31.42 -6.23
C TYR B 83 6.43 32.04 -7.28
N SER B 84 6.12 33.31 -7.10
CA SER B 84 5.35 34.10 -8.06
C SER B 84 4.01 33.45 -8.44
N ASN B 85 3.43 32.71 -7.51
CA ASN B 85 2.13 32.05 -7.69
C ASN B 85 2.13 31.12 -8.90
N THR B 86 3.25 30.45 -9.15
CA THR B 86 3.36 29.52 -10.26
C THR B 86 2.75 28.17 -9.93
N ARG B 87 2.36 28.00 -8.66
CA ARG B 87 1.66 26.80 -8.18
C ARG B 87 2.49 25.52 -8.27
N ALA B 88 3.66 25.59 -8.88
CA ALA B 88 4.46 24.39 -9.11
C ALA B 88 5.92 24.58 -8.73
N TYR B 89 6.34 25.84 -8.58
CA TYR B 89 7.73 26.15 -8.27
C TYR B 89 7.85 26.76 -6.88
N TYR B 90 8.80 26.27 -6.10
CA TYR B 90 8.92 26.69 -4.71
C TYR B 90 10.37 26.94 -4.28
N PHE B 91 10.52 27.66 -3.17
CA PHE B 91 11.81 27.84 -2.52
C PHE B 91 11.85 26.96 -1.27
N VAL B 92 13.04 26.51 -0.90
CA VAL B 92 13.20 25.62 0.24
C VAL B 92 13.72 26.38 1.47
N LYS B 93 12.88 26.47 2.49
CA LYS B 93 13.25 27.10 3.75
C LYS B 93 13.07 26.12 4.91
N PHE B 94 14.18 25.75 5.54
CA PHE B 94 14.15 24.81 6.65
C PHE B 94 13.42 25.38 7.87
N LYS B 95 12.74 24.50 8.61
CA LYS B 95 11.91 24.89 9.73
C LYS B 95 12.69 25.34 10.97
N ARG B 96 13.65 24.54 11.39
CA ARG B 96 14.38 24.81 12.63
C ARG B 96 15.88 24.97 12.38
N ASN B 97 16.36 26.20 12.55
CA ASN B 97 17.76 26.52 12.31
C ASN B 97 18.70 26.61 13.53
N PRO B 98 18.17 26.59 14.77
CA PRO B 98 19.17 26.48 15.85
C PRO B 98 20.02 25.20 15.76
N LYS B 99 19.40 24.10 15.35
CA LYS B 99 20.11 22.85 15.11
C LYS B 99 20.95 22.91 13.83
N GLU B 100 22.10 22.24 13.84
CA GLU B 100 23.00 22.20 12.70
C GLU B 100 22.34 21.55 11.50
N ASN B 101 22.64 22.05 10.31
CA ASN B 101 22.02 21.53 9.08
C ASN B 101 23.07 21.01 8.10
N PRO B 102 22.86 19.80 7.56
CA PRO B 102 23.76 19.14 6.61
C PRO B 102 23.91 19.91 5.30
N LEU B 103 22.82 20.49 4.83
CA LEU B 103 22.81 21.19 3.55
C LEU B 103 23.05 22.68 3.73
N SER B 104 23.57 23.06 4.89
CA SER B 104 23.82 24.46 5.20
C SER B 104 24.83 25.11 4.24
N GLN B 105 25.68 24.28 3.64
CA GLN B 105 26.69 24.78 2.71
C GLN B 105 26.06 25.33 1.43
N PHE B 106 24.84 24.89 1.14
CA PHE B 106 24.12 25.34 -0.05
C PHE B 106 23.10 26.41 0.28
N LEU B 107 22.92 26.68 1.57
CA LEU B 107 21.95 27.68 2.01
C LEU B 107 22.32 29.08 1.54
N GLU B 108 21.44 29.68 0.75
CA GLU B 108 21.62 31.06 0.31
C GLU B 108 20.83 31.98 1.23
N GLY B 109 21.06 31.83 2.53
CA GLY B 109 20.30 32.55 3.53
C GLY B 109 19.28 31.65 4.19
N GLU B 110 18.01 31.89 3.88
CA GLU B 110 16.94 31.01 4.33
C GLU B 110 16.53 30.08 3.19
N ILE B 111 16.84 30.51 1.96
CA ILE B 111 16.51 29.76 0.76
C ILE B 111 17.66 28.84 0.36
N LEU B 112 17.34 27.59 0.07
CA LEU B 112 18.35 26.63 -0.38
C LEU B 112 18.68 26.86 -1.85
N SER B 113 19.97 27.02 -2.15
CA SER B 113 20.40 27.28 -3.52
C SER B 113 20.50 25.99 -4.32
N ALA B 114 19.74 25.92 -5.39
CA ALA B 114 19.74 24.75 -6.28
C ALA B 114 21.00 24.73 -7.14
N SER B 115 21.49 25.91 -7.49
CA SER B 115 22.66 26.05 -8.34
C SER B 115 23.88 25.42 -7.70
N LYS B 116 24.10 25.72 -6.42
CA LYS B 116 25.25 25.18 -5.69
C LYS B 116 25.09 23.68 -5.47
N MET B 117 23.85 23.24 -5.26
CA MET B 117 23.54 21.83 -5.10
C MET B 117 23.94 21.04 -6.34
N LEU B 118 23.43 21.48 -7.49
CA LEU B 118 23.74 20.86 -8.76
C LEU B 118 25.23 21.01 -9.09
N SER B 119 25.84 22.06 -8.57
CA SER B 119 27.26 22.30 -8.78
C SER B 119 28.10 21.25 -8.08
N LYS B 120 27.79 20.99 -6.81
CA LYS B 120 28.52 20.01 -6.03
C LYS B 120 28.23 18.58 -6.50
N PHE B 121 26.97 18.32 -6.81
CA PHE B 121 26.55 17.01 -7.30
C PHE B 121 27.20 16.68 -8.64
N ARG B 122 27.01 17.58 -9.61
CA ARG B 122 27.60 17.45 -10.93
C ARG B 122 29.12 17.46 -10.85
N LYS B 123 29.66 18.10 -9.81
CA LYS B 123 31.09 18.14 -9.58
C LYS B 123 31.61 16.76 -9.18
N ILE B 124 30.92 16.14 -8.21
CA ILE B 124 31.27 14.80 -7.76
C ILE B 124 31.16 13.83 -8.93
N ILE B 125 30.08 13.95 -9.70
CA ILE B 125 29.90 13.11 -10.88
C ILE B 125 31.05 13.30 -11.86
N LYS B 126 31.45 14.55 -12.08
CA LYS B 126 32.54 14.86 -12.99
C LYS B 126 33.87 14.30 -12.49
N GLU B 127 33.96 14.14 -11.17
CA GLU B 127 35.14 13.53 -10.55
C GLU B 127 35.10 12.02 -10.72
N GLU B 128 33.90 11.46 -10.73
CA GLU B 128 33.70 10.02 -10.76
C GLU B 128 33.92 9.38 -12.13
N ILE B 129 33.95 10.18 -13.19
CA ILE B 129 34.11 9.62 -14.54
C ILE B 129 35.56 9.27 -14.82
N ASN B 130 36.45 9.57 -13.88
CA ASN B 130 37.87 9.26 -14.02
C ASN B 130 38.17 7.82 -13.62
N ASP B 131 37.64 7.41 -12.47
CA ASP B 131 37.87 6.08 -11.93
C ASP B 131 36.82 5.06 -12.37
N ILE B 132 36.95 4.56 -13.60
CA ILE B 132 36.06 3.53 -14.11
C ILE B 132 36.82 2.21 -14.24
N LYS B 133 36.08 1.12 -14.43
CA LYS B 133 36.68 -0.19 -14.60
C LYS B 133 36.84 -0.52 -16.08
N ASP B 134 37.89 0.05 -16.69
CA ASP B 134 38.26 -0.20 -18.09
C ASP B 134 37.24 0.30 -19.11
N THR B 135 36.06 0.72 -18.64
CA THR B 135 35.02 1.22 -19.53
C THR B 135 35.20 2.73 -19.75
N ASP B 136 34.73 3.21 -20.90
CA ASP B 136 34.84 4.62 -21.23
C ASP B 136 33.54 5.39 -21.04
N VAL B 137 33.45 6.15 -19.94
CA VAL B 137 32.26 6.94 -19.64
C VAL B 137 32.66 8.41 -19.55
N ILE B 138 31.95 9.27 -20.28
CA ILE B 138 32.26 10.70 -20.26
C ILE B 138 31.02 11.56 -20.03
N MET B 139 31.19 12.63 -19.26
CA MET B 139 30.08 13.54 -18.98
C MET B 139 30.00 14.63 -20.04
N LYS B 140 28.78 14.95 -20.47
CA LYS B 140 28.59 16.02 -21.44
C LYS B 140 28.28 17.35 -20.75
N ARG B 141 28.49 18.45 -21.46
CA ARG B 141 28.20 19.78 -20.94
C ARG B 141 26.69 19.99 -20.87
N LYS B 142 26.24 20.85 -19.97
CA LYS B 142 24.81 21.16 -19.87
C LYS B 142 24.34 21.93 -21.10
N ARG B 143 23.24 21.45 -21.68
CA ARG B 143 22.68 22.03 -22.90
C ARG B 143 22.02 23.38 -22.62
N GLY B 144 21.84 23.68 -21.34
CA GLY B 144 21.18 24.91 -20.95
C GLY B 144 19.74 24.69 -20.51
N GLY B 145 19.49 24.94 -19.24
CA GLY B 145 18.18 24.71 -18.65
C GLY B 145 17.99 23.29 -18.16
N SER B 146 18.71 22.35 -18.78
CA SER B 146 18.63 20.95 -18.38
C SER B 146 19.36 20.69 -17.06
N PRO B 147 18.62 20.24 -16.04
CA PRO B 147 19.18 19.93 -14.72
C PRO B 147 19.84 18.55 -14.68
N ALA B 148 19.56 17.73 -15.69
CA ALA B 148 20.07 16.37 -15.74
C ALA B 148 21.56 16.31 -16.04
N VAL B 149 22.23 15.31 -15.47
CA VAL B 149 23.64 15.08 -15.74
C VAL B 149 23.79 13.79 -16.53
N THR B 150 23.99 13.93 -17.83
CA THR B 150 24.10 12.79 -18.73
C THR B 150 25.52 12.25 -18.80
N LEU B 151 25.64 10.94 -18.89
CA LEU B 151 26.92 10.27 -19.02
C LEU B 151 26.89 9.30 -20.19
N LEU B 152 28.04 9.10 -20.82
CA LEU B 152 28.14 8.25 -22.01
C LEU B 152 29.04 7.05 -21.76
N ILE B 153 28.48 5.86 -21.95
CA ILE B 153 29.20 4.61 -21.78
C ILE B 153 29.39 3.94 -23.13
N SER B 154 30.64 3.57 -23.43
CA SER B 154 31.00 2.85 -24.65
C SER B 154 30.59 3.59 -25.92
N GLU B 155 30.40 4.91 -25.80
CA GLU B 155 29.96 5.75 -26.91
C GLU B 155 28.67 5.21 -27.53
N LYS B 156 27.83 4.60 -26.70
CA LYS B 156 26.61 3.98 -27.18
C LYS B 156 25.44 4.21 -26.23
N ILE B 157 25.72 4.19 -24.93
CA ILE B 157 24.67 4.27 -23.93
C ILE B 157 24.69 5.63 -23.22
N SER B 158 23.56 6.32 -23.23
CA SER B 158 23.45 7.61 -22.54
C SER B 158 22.56 7.48 -21.31
N VAL B 159 23.06 7.93 -20.16
CA VAL B 159 22.29 7.84 -18.92
C VAL B 159 22.16 9.19 -18.25
N ASP B 160 20.92 9.63 -18.02
CA ASP B 160 20.67 10.91 -17.39
C ASP B 160 20.42 10.75 -15.90
N ILE B 161 21.18 11.52 -15.10
CA ILE B 161 21.04 11.45 -13.66
C ILE B 161 20.39 12.72 -13.13
N THR B 162 19.28 12.55 -12.41
CA THR B 162 18.56 13.66 -11.81
C THR B 162 18.46 13.50 -10.30
N LEU B 163 18.68 14.58 -9.56
CA LEU B 163 18.61 14.55 -8.10
C LEU B 163 17.26 15.08 -7.61
N ALA B 164 16.69 14.41 -6.62
CA ALA B 164 15.38 14.80 -6.09
C ALA B 164 15.40 14.96 -4.58
N LEU B 165 14.44 15.72 -4.06
CA LEU B 165 14.32 15.93 -2.62
C LEU B 165 13.03 15.32 -2.06
N GLU B 166 13.18 14.23 -1.32
CA GLU B 166 12.02 13.55 -0.75
C GLU B 166 11.51 14.24 0.51
N SER B 167 10.21 14.51 0.53
CA SER B 167 9.57 15.12 1.69
C SER B 167 8.36 14.30 2.14
N LYS B 168 8.51 13.62 3.26
CA LYS B 168 7.45 12.76 3.77
C LYS B 168 6.32 13.56 4.42
N SER B 169 6.40 14.89 4.33
CA SER B 169 5.36 15.75 4.88
C SER B 169 4.12 15.76 4.00
N SER B 170 3.13 16.56 4.39
CA SER B 170 1.88 16.66 3.65
C SER B 170 2.08 17.38 2.31
N TRP B 171 1.31 16.97 1.31
CA TRP B 171 1.38 17.59 -0.01
C TRP B 171 0.89 19.04 0.02
N PRO B 172 1.51 19.90 -0.80
CA PRO B 172 1.14 21.32 -0.90
C PRO B 172 -0.34 21.55 -1.22
N ALA B 173 -0.83 22.75 -0.92
CA ALA B 173 -2.25 23.06 -1.09
C ALA B 173 -2.64 23.21 -2.56
N SER B 174 -1.63 23.28 -3.44
CA SER B 174 -1.87 23.39 -4.87
C SER B 174 -2.31 22.05 -5.44
N THR B 175 -2.01 20.97 -4.71
CA THR B 175 -2.36 19.63 -5.16
C THR B 175 -3.66 19.16 -4.50
N GLN B 176 -4.36 20.09 -3.86
CA GLN B 176 -5.59 19.77 -3.15
C GLN B 176 -6.68 19.22 -4.06
N GLU B 177 -6.89 19.89 -5.19
CA GLU B 177 -7.92 19.49 -6.15
C GLU B 177 -7.33 18.61 -7.24
N GLY B 178 -6.09 18.17 -7.04
CA GLY B 178 -5.42 17.33 -8.02
C GLY B 178 -5.69 15.86 -7.82
N LEU B 179 -5.22 15.04 -8.76
CA LEU B 179 -5.36 13.59 -8.70
C LEU B 179 -6.82 13.18 -8.56
N ARG B 180 -7.64 13.57 -9.53
CA ARG B 180 -9.06 13.22 -9.52
C ARG B 180 -9.28 11.79 -9.98
N ILE B 181 -8.96 10.84 -9.11
CA ILE B 181 -9.10 9.43 -9.43
C ILE B 181 -10.18 8.79 -8.56
N GLN B 182 -11.01 9.63 -7.94
CA GLN B 182 -12.04 9.16 -7.02
C GLN B 182 -13.02 8.20 -7.67
N ASN B 183 -13.45 8.51 -8.88
CA ASN B 183 -14.39 7.65 -9.59
C ASN B 183 -13.65 6.54 -10.33
N TRP B 184 -12.36 6.76 -10.58
CA TRP B 184 -11.55 5.82 -11.34
C TRP B 184 -10.93 4.76 -10.44
N LEU B 185 -9.95 5.15 -9.64
CA LEU B 185 -9.22 4.21 -8.79
C LEU B 185 -9.68 4.28 -7.33
N SER B 186 -10.82 4.94 -7.10
CA SER B 186 -11.44 5.12 -5.77
C SER B 186 -10.72 6.15 -4.90
N ALA B 187 -11.48 6.84 -4.06
CA ALA B 187 -10.96 7.88 -3.18
C ALA B 187 -10.11 7.28 -2.07
N LYS B 188 -10.23 5.97 -1.90
CA LYS B 188 -9.43 5.22 -0.93
C LYS B 188 -7.97 5.18 -1.37
N VAL B 189 -7.77 4.83 -2.64
CA VAL B 189 -6.44 4.78 -3.23
C VAL B 189 -5.88 6.20 -3.28
N ARG B 190 -6.74 7.18 -3.55
CA ARG B 190 -6.29 8.56 -3.55
C ARG B 190 -5.81 8.95 -2.16
N LYS B 191 -6.55 8.51 -1.15
CA LYS B 191 -6.21 8.74 0.25
C LYS B 191 -4.83 8.20 0.54
N GLN B 192 -4.62 6.91 0.27
CA GLN B 192 -3.36 6.27 0.60
C GLN B 192 -2.20 6.76 -0.26
N LEU B 193 -2.51 7.24 -1.45
CA LEU B 193 -1.49 7.76 -2.36
C LEU B 193 -1.01 9.15 -1.91
N ARG B 194 -1.94 9.98 -1.45
CA ARG B 194 -1.59 11.31 -0.97
C ARG B 194 -0.89 11.25 0.39
N LEU B 195 -0.90 10.07 1.01
CA LEU B 195 -0.15 9.84 2.24
C LEU B 195 1.25 9.34 1.92
N LYS B 196 1.77 9.77 0.78
CA LYS B 196 3.11 9.40 0.34
C LYS B 196 3.94 10.66 0.12
N PRO B 197 5.27 10.53 0.18
CA PRO B 197 6.12 11.70 -0.01
C PRO B 197 6.05 12.28 -1.42
N PHE B 198 6.24 13.58 -1.53
CA PHE B 198 6.30 14.25 -2.82
C PHE B 198 7.72 14.72 -3.07
N TYR B 199 8.17 14.71 -4.33
CA TYR B 199 9.57 15.02 -4.60
C TYR B 199 9.75 16.41 -5.17
N LEU B 200 10.99 16.87 -5.26
CA LEU B 200 11.29 18.19 -5.78
C LEU B 200 12.49 18.14 -6.72
N VAL B 201 12.33 18.71 -7.92
CA VAL B 201 13.39 18.71 -8.91
C VAL B 201 13.84 20.12 -9.24
N PRO B 202 15.15 20.35 -9.29
CA PRO B 202 15.73 21.68 -9.54
C PRO B 202 15.46 22.19 -10.96
N LYS B 203 14.42 23.01 -11.12
CA LYS B 203 14.10 23.61 -12.41
C LYS B 203 13.68 25.07 -12.23
N HIS B 204 14.33 25.96 -12.96
CA HIS B 204 14.04 27.38 -12.88
C HIS B 204 12.88 27.78 -13.80
N ALA B 205 12.03 28.67 -13.32
CA ALA B 205 10.91 29.20 -14.09
C ALA B 205 11.29 30.50 -14.78
N LYS B 206 10.47 30.95 -15.72
CA LYS B 206 10.75 32.18 -16.44
C LYS B 206 10.33 33.40 -15.63
N GLU B 207 11.19 34.42 -15.58
CA GLU B 207 10.90 35.63 -14.84
C GLU B 207 10.99 36.87 -15.74
N GLY B 208 11.32 36.66 -17.01
CA GLY B 208 11.46 37.75 -17.96
C GLY B 208 12.90 37.98 -18.39
N ASN B 209 13.27 37.36 -19.51
CA ASN B 209 14.64 37.44 -20.03
C ASN B 209 15.64 36.99 -18.98
N GLY B 210 15.26 35.96 -18.22
CA GLY B 210 16.10 35.42 -17.17
C GLY B 210 15.37 34.32 -16.43
N PHE B 211 16.01 33.73 -15.42
CA PHE B 211 15.37 32.66 -14.65
C PHE B 211 15.75 32.74 -13.17
N GLN B 212 15.05 31.96 -12.36
CA GLN B 212 15.32 31.91 -10.92
C GLN B 212 16.02 30.60 -10.58
N GLU B 213 17.34 30.64 -10.50
CA GLU B 213 18.16 29.45 -10.29
C GLU B 213 18.07 28.87 -8.88
N GLU B 214 17.01 29.19 -8.15
CA GLU B 214 16.84 28.70 -6.79
C GLU B 214 15.45 28.13 -6.52
N THR B 215 14.67 27.90 -7.58
CA THR B 215 13.33 27.34 -7.43
C THR B 215 13.31 25.83 -7.65
N TRP B 216 12.29 25.18 -7.09
CA TRP B 216 12.14 23.73 -7.20
C TRP B 216 10.73 23.36 -7.68
N ARG B 217 10.64 22.39 -8.59
CA ARG B 217 9.37 21.94 -9.12
C ARG B 217 8.86 20.70 -8.39
N LEU B 218 7.54 20.64 -8.19
CA LEU B 218 6.90 19.47 -7.61
C LEU B 218 6.98 18.28 -8.57
N SER B 219 7.46 17.15 -8.07
CA SER B 219 7.55 15.95 -8.86
C SER B 219 6.78 14.79 -8.21
N PHE B 220 5.93 14.15 -9.01
CA PHE B 220 5.13 13.03 -8.54
C PHE B 220 5.28 11.83 -9.48
N SER B 221 6.52 11.59 -9.92
CA SER B 221 6.79 10.52 -10.87
C SER B 221 6.44 9.16 -10.30
N HIS B 222 6.67 8.98 -9.00
CA HIS B 222 6.40 7.72 -8.33
C HIS B 222 4.91 7.38 -8.35
N ILE B 223 4.07 8.40 -8.14
CA ILE B 223 2.63 8.23 -8.19
C ILE B 223 2.19 7.84 -9.59
N GLU B 224 2.82 8.45 -10.59
CA GLU B 224 2.53 8.15 -11.98
C GLU B 224 2.88 6.70 -12.32
N LYS B 225 4.02 6.24 -11.80
CA LYS B 225 4.43 4.85 -11.99
C LYS B 225 3.44 3.91 -11.33
N GLU B 226 3.02 4.26 -10.12
CA GLU B 226 2.08 3.44 -9.37
C GLU B 226 0.76 3.31 -10.11
N ILE B 227 0.23 4.44 -10.56
CA ILE B 227 -1.04 4.48 -11.27
C ILE B 227 -0.91 3.82 -12.63
N LEU B 228 0.30 3.78 -13.17
CA LEU B 228 0.53 3.14 -14.45
C LEU B 228 0.53 1.62 -14.32
N ASN B 229 1.26 1.10 -13.35
CA ASN B 229 1.35 -0.34 -13.16
C ASN B 229 0.13 -0.90 -12.45
N ASN B 230 -0.77 -0.01 -12.03
CA ASN B 230 -2.04 -0.41 -11.43
C ASN B 230 -3.09 0.57 -11.90
N HIS B 231 -3.68 0.27 -13.05
CA HIS B 231 -4.45 1.23 -13.82
C HIS B 231 -5.93 0.94 -13.85
N GLY B 232 -6.31 -0.30 -13.60
CA GLY B 232 -7.69 -0.71 -13.74
C GLY B 232 -8.55 -0.35 -12.56
N LYS B 233 -9.84 -0.16 -12.81
CA LYS B 233 -10.81 0.04 -11.74
C LYS B 233 -10.97 -1.29 -11.01
N SER B 234 -10.78 -2.38 -11.76
CA SER B 234 -10.76 -3.71 -11.18
C SER B 234 -9.35 -4.04 -10.74
N LYS B 235 -9.23 -4.73 -9.61
CA LYS B 235 -7.92 -5.07 -9.07
C LYS B 235 -7.23 -6.13 -9.90
N THR B 236 -8.03 -6.97 -10.56
CA THR B 236 -7.49 -8.05 -11.38
C THR B 236 -7.41 -7.65 -12.86
N CYS B 237 -7.38 -6.35 -13.13
CA CYS B 237 -7.28 -5.85 -14.50
C CYS B 237 -5.95 -6.30 -15.12
N CYS B 238 -6.04 -6.83 -16.34
CA CYS B 238 -4.88 -7.34 -17.07
C CYS B 238 -4.16 -8.49 -16.37
N GLU B 239 -4.91 -9.25 -15.57
CA GLU B 239 -4.35 -10.45 -14.93
C GLU B 239 -4.96 -11.72 -15.52
N ASN B 240 -5.97 -11.55 -16.37
CA ASN B 240 -6.60 -12.69 -17.05
C ASN B 240 -7.08 -12.30 -18.44
N LYS B 241 -7.42 -13.30 -19.25
CA LYS B 241 -7.80 -13.08 -20.65
C LYS B 241 -9.11 -12.29 -20.79
N GLU B 242 -9.92 -12.31 -19.74
CA GLU B 242 -11.22 -11.64 -19.78
C GLU B 242 -11.15 -10.18 -19.32
N GLU B 243 -10.01 -9.77 -18.78
CA GLU B 243 -9.87 -8.40 -18.27
C GLU B 243 -8.67 -7.65 -18.85
N LYS B 244 -8.23 -8.04 -20.05
CA LYS B 244 -7.13 -7.36 -20.70
C LYS B 244 -7.60 -6.02 -21.27
N CYS B 245 -6.93 -4.93 -20.86
CA CYS B 245 -7.28 -3.60 -21.35
C CYS B 245 -6.17 -3.05 -22.25
N CYS B 246 -6.35 -1.81 -22.72
CA CYS B 246 -5.40 -1.22 -23.66
C CYS B 246 -4.91 0.17 -23.26
N ARG B 247 -4.88 0.44 -21.97
CA ARG B 247 -4.41 1.73 -21.47
C ARG B 247 -2.92 1.93 -21.77
N LYS B 248 -2.09 1.01 -21.27
CA LYS B 248 -0.65 1.08 -21.50
C LYS B 248 -0.32 1.14 -22.98
N ASP B 249 -1.08 0.38 -23.77
CA ASP B 249 -0.90 0.35 -25.22
C ASP B 249 -1.17 1.73 -25.84
N CYS B 250 -2.26 2.37 -25.39
CA CYS B 250 -2.58 3.72 -25.86
C CYS B 250 -1.49 4.72 -25.51
N LEU B 251 -1.01 4.64 -24.28
CA LEU B 251 0.05 5.54 -23.85
C LEU B 251 1.31 5.35 -24.69
N LYS B 252 1.69 4.09 -24.91
CA LYS B 252 2.84 3.77 -25.76
C LYS B 252 2.65 4.35 -27.16
N LEU B 253 1.46 4.18 -27.71
CA LEU B 253 1.16 4.66 -29.06
C LEU B 253 1.26 6.18 -29.16
N MET B 254 0.71 6.89 -28.18
CA MET B 254 0.78 8.34 -28.15
C MET B 254 2.22 8.84 -28.02
N LYS B 255 2.95 8.25 -27.08
CA LYS B 255 4.35 8.63 -26.88
C LYS B 255 5.19 8.41 -28.14
N TYR B 256 4.99 7.26 -28.78
CA TYR B 256 5.71 6.91 -30.00
C TYR B 256 5.32 7.84 -31.13
N LEU B 257 4.06 8.23 -31.17
CA LEU B 257 3.59 9.20 -32.15
C LEU B 257 4.33 10.52 -32.00
N LEU B 258 4.33 11.06 -30.78
CA LEU B 258 5.00 12.32 -30.53
C LEU B 258 6.49 12.24 -30.84
N GLU B 259 7.12 11.13 -30.45
CA GLU B 259 8.55 10.93 -30.67
C GLU B 259 8.87 10.90 -32.17
N GLN B 260 8.05 10.20 -32.93
CA GLN B 260 8.22 10.07 -34.37
C GLN B 260 8.02 11.41 -35.08
N LEU B 261 7.01 12.16 -34.65
CA LEU B 261 6.76 13.48 -35.23
C LEU B 261 7.88 14.46 -34.91
N LYS B 262 8.43 14.35 -33.70
CA LYS B 262 9.55 15.19 -33.29
C LYS B 262 10.79 14.81 -34.08
N GLU B 263 10.90 13.53 -34.45
CA GLU B 263 12.02 13.05 -35.23
C GLU B 263 11.93 13.52 -36.68
N ARG B 264 10.72 13.47 -37.24
CA ARG B 264 10.50 13.85 -38.63
C ARG B 264 10.81 15.32 -38.86
N PHE B 265 10.49 16.15 -37.87
CA PHE B 265 10.73 17.59 -37.97
C PHE B 265 11.81 18.05 -37.00
N LYS B 266 12.94 17.35 -37.01
CA LYS B 266 14.07 17.68 -36.15
C LYS B 266 14.73 18.97 -36.61
N ASP B 267 14.62 19.27 -37.90
CA ASP B 267 15.22 20.47 -38.47
C ASP B 267 14.56 21.73 -37.90
N LYS B 268 13.23 21.77 -37.93
CA LYS B 268 12.49 22.91 -37.36
C LYS B 268 12.45 22.82 -35.84
N LYS B 269 11.94 23.88 -35.20
CA LYS B 269 11.90 23.96 -33.75
C LYS B 269 10.48 24.07 -33.20
N HIS B 270 9.50 23.73 -34.03
CA HIS B 270 8.10 23.87 -33.65
C HIS B 270 7.64 22.82 -32.64
N LEU B 271 8.43 21.77 -32.46
CA LEU B 271 8.05 20.67 -31.58
C LEU B 271 9.01 20.50 -30.41
N ASP B 272 9.99 21.39 -30.31
CA ASP B 272 11.01 21.28 -29.28
C ASP B 272 10.47 21.55 -27.88
N LYS B 273 9.33 22.24 -27.79
CA LYS B 273 8.75 22.57 -26.50
C LYS B 273 7.69 21.57 -26.08
N PHE B 274 7.65 20.41 -26.74
CA PHE B 274 6.72 19.36 -26.40
C PHE B 274 7.46 18.14 -25.84
N SER B 275 7.04 17.67 -24.68
CA SER B 275 7.65 16.51 -24.04
C SER B 275 6.66 15.37 -23.95
N SER B 276 7.17 14.19 -23.61
CA SER B 276 6.32 13.01 -23.43
C SER B 276 5.45 13.16 -22.18
N TYR B 277 5.78 14.12 -21.32
CA TYR B 277 4.99 14.34 -20.11
C TYR B 277 3.63 14.96 -20.43
N HIS B 278 3.56 15.73 -21.50
CA HIS B 278 2.29 16.29 -21.97
C HIS B 278 1.37 15.16 -22.42
N VAL B 279 1.97 14.19 -23.10
CA VAL B 279 1.28 13.00 -23.57
C VAL B 279 0.78 12.17 -22.39
N LYS B 280 1.66 11.95 -21.41
CA LYS B 280 1.35 11.16 -20.22
C LYS B 280 0.23 11.82 -19.41
N THR B 281 0.33 13.14 -19.27
CA THR B 281 -0.66 13.94 -18.56
C THR B 281 -2.02 13.84 -19.23
N ALA B 282 -2.03 14.09 -20.54
CA ALA B 282 -3.25 13.99 -21.34
C ALA B 282 -3.87 12.61 -21.19
N PHE B 283 -3.02 11.59 -21.18
CA PHE B 283 -3.46 10.22 -21.00
C PHE B 283 -4.14 10.02 -19.64
N PHE B 284 -3.55 10.60 -18.60
CA PHE B 284 -4.14 10.52 -17.27
C PHE B 284 -5.52 11.19 -17.24
N HIS B 285 -5.62 12.32 -17.92
CA HIS B 285 -6.90 13.03 -17.99
C HIS B 285 -7.96 12.18 -18.70
N VAL B 286 -7.54 11.49 -19.75
CA VAL B 286 -8.46 10.60 -20.48
C VAL B 286 -8.88 9.43 -19.58
N CYS B 287 -7.94 8.91 -18.80
CA CYS B 287 -8.25 7.83 -17.85
C CYS B 287 -9.27 8.29 -16.81
N THR B 288 -9.18 9.55 -16.41
CA THR B 288 -10.17 10.14 -15.51
C THR B 288 -11.51 10.24 -16.21
N GLN B 289 -11.48 10.64 -17.48
CA GLN B 289 -12.71 10.77 -18.27
C GLN B 289 -13.30 9.41 -18.61
N ASN B 290 -12.51 8.36 -18.47
CA ASN B 290 -12.98 7.01 -18.75
C ASN B 290 -12.54 6.04 -17.66
N PRO B 291 -13.26 6.05 -16.52
CA PRO B 291 -12.90 5.25 -15.34
C PRO B 291 -13.20 3.76 -15.48
N GLN B 292 -14.20 3.41 -16.30
CA GLN B 292 -14.58 2.02 -16.46
C GLN B 292 -13.61 1.26 -17.36
N ASP B 293 -13.28 0.03 -16.96
CA ASP B 293 -12.36 -0.81 -17.72
C ASP B 293 -12.99 -1.24 -19.04
N SER B 294 -14.30 -1.28 -19.07
CA SER B 294 -15.05 -1.65 -20.28
C SER B 294 -14.83 -0.62 -21.36
N GLN B 295 -14.53 0.61 -20.95
CA GLN B 295 -14.23 1.69 -21.88
C GLN B 295 -12.85 1.53 -22.50
N TRP B 296 -12.08 0.58 -21.97
CA TRP B 296 -10.72 0.35 -22.46
C TRP B 296 -10.52 -1.09 -22.91
N ASP B 297 -11.52 -1.62 -23.61
CA ASP B 297 -11.47 -3.00 -24.08
C ASP B 297 -10.35 -3.19 -25.11
N ARG B 298 -9.73 -4.36 -25.08
CA ARG B 298 -8.57 -4.63 -25.93
C ARG B 298 -8.96 -4.72 -27.40
N LYS B 299 -10.23 -4.97 -27.66
CA LYS B 299 -10.71 -5.04 -29.05
C LYS B 299 -11.06 -3.66 -29.57
N ASP B 300 -11.07 -2.67 -28.67
CA ASP B 300 -11.41 -1.30 -29.02
C ASP B 300 -10.18 -0.39 -29.05
N LEU B 301 -9.00 -0.99 -29.13
CA LEU B 301 -7.73 -0.27 -29.09
C LEU B 301 -7.70 0.93 -30.02
N GLY B 302 -8.20 0.75 -31.24
CA GLY B 302 -8.28 1.85 -32.19
C GLY B 302 -9.10 3.00 -31.64
N LEU B 303 -10.36 2.71 -31.29
CA LEU B 303 -11.27 3.73 -30.80
C LEU B 303 -10.65 4.46 -29.63
N CYS B 304 -10.30 3.71 -28.60
CA CYS B 304 -9.62 4.25 -27.43
C CYS B 304 -8.48 5.16 -27.83
N PHE B 305 -7.59 4.65 -28.68
CA PHE B 305 -6.43 5.41 -29.13
C PHE B 305 -6.87 6.73 -29.75
N ASP B 306 -7.88 6.66 -30.62
CA ASP B 306 -8.42 7.86 -31.26
C ASP B 306 -8.79 8.87 -30.19
N ASN B 307 -9.49 8.41 -29.16
CA ASN B 307 -9.88 9.25 -28.03
C ASN B 307 -8.66 10.01 -27.51
N CYS B 308 -7.61 9.27 -27.20
CA CYS B 308 -6.36 9.86 -26.71
C CYS B 308 -5.89 10.92 -27.69
N VAL B 309 -5.87 10.56 -28.97
CA VAL B 309 -5.47 11.48 -30.03
C VAL B 309 -6.36 12.72 -29.98
N THR B 310 -7.67 12.52 -29.90
CA THR B 310 -8.62 13.63 -29.93
C THR B 310 -8.39 14.63 -28.81
N TYR B 311 -8.42 14.13 -27.57
CA TYR B 311 -8.30 14.98 -26.39
C TYR B 311 -7.05 15.83 -26.45
N PHE B 312 -5.92 15.19 -26.76
CA PHE B 312 -4.65 15.87 -26.85
C PHE B 312 -4.78 17.04 -27.82
N LEU B 313 -5.34 16.74 -28.99
CA LEU B 313 -5.57 17.76 -30.02
C LEU B 313 -6.35 18.93 -29.43
N GLN B 314 -7.41 18.60 -28.71
CA GLN B 314 -8.26 19.61 -28.09
C GLN B 314 -7.44 20.53 -27.21
N CYS B 315 -6.54 19.92 -26.43
CA CYS B 315 -5.65 20.69 -25.58
C CYS B 315 -4.88 21.68 -26.43
N LEU B 316 -4.23 21.17 -27.49
CA LEU B 316 -3.47 22.00 -28.40
C LEU B 316 -4.35 23.06 -29.04
N ARG B 317 -5.63 22.73 -29.22
CA ARG B 317 -6.55 23.62 -29.89
C ARG B 317 -7.05 24.69 -28.92
N THR B 318 -7.01 24.38 -27.63
CA THR B 318 -7.56 25.28 -26.63
C THR B 318 -6.47 25.86 -25.74
N GLU B 319 -5.24 25.43 -25.96
CA GLU B 319 -4.09 25.87 -25.19
C GLU B 319 -4.32 25.64 -23.69
N LYS B 320 -4.97 24.53 -23.37
CA LYS B 320 -5.26 24.18 -21.99
C LYS B 320 -4.87 22.74 -21.70
N LEU B 321 -3.84 22.55 -20.89
CA LEU B 321 -3.46 21.22 -20.42
C LEU B 321 -3.03 21.31 -18.96
N GLU B 322 -3.97 20.99 -18.06
CA GLU B 322 -3.70 21.08 -16.62
C GLU B 322 -2.76 19.99 -16.17
N ASN B 323 -1.84 20.33 -15.27
CA ASN B 323 -1.00 19.34 -14.63
C ASN B 323 -1.91 18.39 -13.85
N TYR B 324 -1.71 17.10 -14.02
CA TYR B 324 -2.61 16.11 -13.44
C TYR B 324 -2.59 16.15 -11.91
N PHE B 325 -1.54 16.73 -11.35
CA PHE B 325 -1.40 16.86 -9.91
C PHE B 325 -1.61 18.30 -9.45
N ILE B 326 -1.26 19.25 -10.31
CA ILE B 326 -1.43 20.67 -10.01
C ILE B 326 -2.39 21.30 -11.01
N PRO B 327 -3.70 21.26 -10.69
CA PRO B 327 -4.78 21.72 -11.58
C PRO B 327 -4.59 23.14 -12.10
N GLU B 328 -4.11 24.03 -11.24
CA GLU B 328 -3.95 25.42 -11.60
C GLU B 328 -2.77 25.64 -12.54
N PHE B 329 -1.83 24.71 -12.54
CA PHE B 329 -0.65 24.79 -13.41
C PHE B 329 -0.97 24.28 -14.82
N ASN B 330 -0.93 25.19 -15.78
CA ASN B 330 -1.25 24.84 -17.17
C ASN B 330 0.02 24.59 -17.98
N LEU B 331 0.07 23.43 -18.63
CA LEU B 331 1.25 23.03 -19.39
C LEU B 331 1.26 23.64 -20.79
N PHE B 332 0.08 23.97 -21.31
CA PHE B 332 -0.04 24.49 -22.66
C PHE B 332 -0.37 25.99 -22.68
N SER B 333 0.00 26.70 -21.64
CA SER B 333 -0.27 28.14 -21.56
C SER B 333 0.50 28.88 -22.66
N SER B 334 0.03 30.06 -23.03
CA SER B 334 0.66 30.85 -24.08
C SER B 334 2.06 31.29 -23.68
N ASN B 335 2.27 31.41 -22.36
CA ASN B 335 3.57 31.83 -21.84
C ASN B 335 4.63 30.75 -22.03
N LEU B 336 4.20 29.50 -21.92
CA LEU B 336 5.12 28.37 -22.06
C LEU B 336 5.29 28.00 -23.54
N ILE B 337 4.20 27.64 -24.19
CA ILE B 337 4.24 27.25 -25.59
C ILE B 337 3.39 28.20 -26.44
N ASP B 338 3.94 28.64 -27.56
CA ASP B 338 3.27 29.61 -28.42
C ASP B 338 2.23 28.96 -29.31
N LYS B 339 1.26 29.76 -29.74
CA LYS B 339 0.13 29.27 -30.54
C LYS B 339 0.58 28.62 -31.84
N ARG B 340 1.63 29.16 -32.45
CA ARG B 340 2.15 28.67 -33.72
C ARG B 340 2.59 27.20 -33.66
N SER B 341 3.34 26.88 -32.60
CA SER B 341 3.83 25.51 -32.40
C SER B 341 2.68 24.54 -32.21
N LYS B 342 1.71 24.94 -31.39
CA LYS B 342 0.57 24.10 -31.09
C LYS B 342 -0.29 23.88 -32.34
N GLU B 343 -0.40 24.91 -33.17
CA GLU B 343 -1.11 24.79 -34.43
C GLU B 343 -0.39 23.85 -35.37
N PHE B 344 0.94 23.95 -35.40
CA PHE B 344 1.74 23.07 -36.23
C PHE B 344 1.56 21.61 -35.83
N LEU B 345 1.65 21.34 -34.54
CA LEU B 345 1.50 19.97 -34.03
C LEU B 345 0.08 19.46 -34.25
N THR B 346 -0.90 20.35 -34.13
CA THR B 346 -2.28 19.99 -34.40
C THR B 346 -2.46 19.56 -35.85
N LYS B 347 -1.88 20.34 -36.75
CA LYS B 347 -1.95 20.04 -38.18
C LYS B 347 -1.28 18.71 -38.49
N GLN B 348 -0.08 18.51 -37.98
CA GLN B 348 0.67 17.28 -38.24
C GLN B 348 -0.07 16.06 -37.72
N ILE B 349 -0.50 16.10 -36.46
CA ILE B 349 -1.22 14.99 -35.86
C ILE B 349 -2.50 14.70 -36.63
N GLU B 350 -3.23 15.75 -37.00
CA GLU B 350 -4.46 15.59 -37.78
C GLU B 350 -4.18 14.92 -39.12
N TYR B 351 -3.07 15.30 -39.76
CA TYR B 351 -2.66 14.65 -41.00
C TYR B 351 -2.37 13.17 -40.79
N GLU B 352 -1.65 12.87 -39.72
CA GLU B 352 -1.28 11.49 -39.40
C GLU B 352 -2.52 10.64 -39.19
N ARG B 353 -3.47 11.15 -38.40
CA ARG B 353 -4.71 10.44 -38.14
C ARG B 353 -5.53 10.28 -39.40
N ASN B 354 -5.51 11.30 -40.25
CA ASN B 354 -6.30 11.29 -41.48
C ASN B 354 -5.70 10.37 -42.54
N ASN B 355 -4.44 10.00 -42.38
CA ASN B 355 -3.79 9.17 -43.38
C ASN B 355 -3.26 7.85 -42.81
N GLU B 356 -4.03 7.26 -41.91
CA GLU B 356 -3.75 5.93 -41.37
C GLU B 356 -2.41 5.85 -40.63
N PHE B 357 -1.96 6.98 -40.10
CA PHE B 357 -0.71 7.07 -39.34
C PHE B 357 0.47 6.47 -40.09
N PRO B 358 0.93 7.17 -41.15
CA PRO B 358 2.05 6.67 -41.94
C PRO B 358 3.38 6.79 -41.22
N VAL B 359 3.40 7.52 -40.11
CA VAL B 359 4.64 7.76 -39.38
C VAL B 359 5.03 6.53 -38.57
N PHE B 360 4.07 5.64 -38.32
CA PHE B 360 4.34 4.44 -37.53
C PHE B 360 5.13 3.39 -38.30
N ASP B 361 4.86 3.27 -39.61
CA ASP B 361 5.55 2.30 -40.42
C ASP B 361 6.84 2.87 -41.04
N GLU B 362 7.40 3.88 -40.37
CA GLU B 362 8.62 4.52 -40.84
C GLU B 362 9.76 4.34 -39.84
ZN ZN C . -18.00 -3.66 -0.73
OAC 1YC D . -6.34 -12.91 20.91
CBC 1YC D . -6.96 -13.20 21.87
NAT 1YC D . -7.53 -12.17 22.67
CBA 1YC D . -8.29 -12.52 23.87
NAA 1YC D . -8.87 -11.48 24.69
NAS 1YC D . -8.47 -13.93 24.25
CBG 1YC D . -7.88 -15.00 23.41
CBE 1YC D . -7.15 -14.67 22.27
NAR 1YC D . -6.73 -15.82 21.69
CAL 1YC D . -7.18 -16.89 22.48
NBQ 1YC D . -7.89 -16.37 23.53
CBO 1YC D . -8.57 -17.16 24.63
OAX 1YC D . -7.37 -17.68 25.33
CBK 1YC D . -7.47 -19.15 25.32
CAN 1YC D . -6.56 -19.71 24.25
OP3 1YC D . -7.22 -20.75 23.53
P2' 1YC D . -6.49 -21.30 22.10
O2' 1YC D . -7.56 -21.57 20.87
OP2 1YC D . -5.49 -22.43 22.32
OP1 1YC D . -5.66 -20.14 21.63
CBI 1YC D . -8.87 -19.49 25.05
OAE 1YC D . -9.58 -19.67 26.32
CBM 1YC D . -9.44 -18.38 24.33
OAZ 1YC D . -10.77 -18.15 24.76
PBS 1YC D . -11.96 -18.06 23.60
OAH 1YC D . -12.10 -16.69 22.97
OAI 1YC D . -13.26 -18.26 24.36
O5' 1YC D . -11.91 -19.33 22.48
C5' 1YC D . -11.07 -19.14 21.32
C4' 1YC D . -10.96 -20.43 20.55
O4' 1YC D . -10.45 -20.16 19.25
C3' 1YC D . -9.93 -21.31 21.22
O3' 1YC D . -10.01 -22.64 20.76
C2' 1YC D . -8.69 -20.67 20.75
C1' 1YC D . -9.00 -20.33 19.31
N9 1YC D . -8.57 -19.07 18.66
C8 1YC D . -8.89 -17.81 19.05
N7 1YC D . -8.30 -16.94 18.23
C5 1YC D . -7.59 -17.65 17.29
C4 1YC D . -7.75 -18.96 17.55
N3 1YC D . -7.13 -19.89 16.73
C2 1YC D . -6.37 -19.50 15.69
N1 1YC D . -6.20 -18.21 15.41
C6 1YC D . -6.77 -17.26 16.16
N6 1YC D . -6.58 -15.83 15.84
ZN ZN E . -5.38 -3.30 -17.47
OAC 1YC F . 13.42 14.76 -15.83
CBC 1YC F . 14.11 15.07 -16.74
NAT 1YC F . 15.21 14.25 -17.11
CBA 1YC F . 16.06 14.64 -18.23
NAA 1YC F . 17.18 13.81 -18.61
NAS 1YC F . 15.77 15.87 -18.98
CBG 1YC F . 14.63 16.72 -18.59
CBE 1YC F . 13.82 16.37 -17.53
NAR 1YC F . 12.85 17.31 -17.40
CAL 1YC F . 13.07 18.28 -18.39
NBQ 1YC F . 14.16 17.90 -19.10
CBO 1YC F . 14.75 18.65 -20.29
OAX 1YC F . 15.65 19.56 -19.56
CBK 1YC F . 15.29 20.93 -19.97
CAN 1YC F . 14.29 21.51 -19.00
OP3 1YC F . 13.33 22.26 -19.72
P2' 1YC F . 12.01 22.91 -18.89
O2' 1YC F . 10.67 21.94 -18.84
OP2 1YC F . 11.69 24.36 -19.27
OP1 1YC F . 12.47 22.99 -17.46
CBI 1YC F . 14.67 20.77 -21.29
OAE 1YC F . 15.72 20.62 -22.31
CBM 1YC F . 13.92 19.55 -21.20
OAZ 1YC F . 13.73 18.96 -22.46
PBS 1YC F . 12.17 18.74 -22.95
OAH 1YC F . 11.46 17.63 -22.21
OAI 1YC F . 12.28 18.25 -24.38
O5' 1YC F . 11.28 20.18 -23.03
C5' 1YC F . 9.84 20.10 -23.15
C4' 1YC F . 9.22 20.79 -21.95
O4' 1YC F . 8.74 19.81 -21.02
C3' 1YC F . 10.26 21.62 -21.22
O3' 1YC F . 9.79 22.95 -21.08
C2' 1YC F . 10.42 20.98 -19.91
C1' 1YC F . 9.08 20.34 -19.70
N9 1YC F . 8.84 19.15 -18.85
C8 1YC F . 9.41 17.92 -18.97
N7 1YC F . 8.93 17.14 -18.00
C5 1YC F . 8.04 17.87 -17.23
C4 1YC F . 7.98 19.12 -17.76
N3 1YC F . 7.16 20.05 -17.18
C2 1YC F . 6.42 19.74 -16.10
N1 1YC F . 6.46 18.54 -15.56
C6 1YC F . 7.24 17.58 -16.09
N6 1YC F . 7.26 16.22 -15.46
#